data_6RGO
#
_entry.id   6RGO
#
_cell.length_a   123.447
_cell.length_b   123.447
_cell.length_c   185.168
_cell.angle_alpha   90.00
_cell.angle_beta   90.00
_cell.angle_gamma   120.00
#
_symmetry.space_group_name_H-M   'P 32 2 1'
#
loop_
_entity.id
_entity.type
_entity.pdbx_description
1 polymer 'Autophagy-related protein 21'
2 polymer 'Autophagy protein 16'
#
loop_
_entity_poly.entity_id
_entity_poly.type
_entity_poly.pdbx_seq_one_letter_code
_entity_poly.pdbx_strand_id
1 'polypeptide(L)'
;MALKLLGFNQDATCFSVISSNKGVTIYNCDPFGKCFELEKSTSNDEELDFLVEMLFSTSLIAVVDKTIGASKRKKLKIVN
TKRKATICELTFPHEIMDVIMNRKIICVVLKSDQIFVYDISCMKLLRTIDVRGEKLKSTSKFRNSEAVGDIGVRVSLSTD
NNSILCYSSYSKSDKENAPLNDIVVFDALKCIQINVLPAVHQSNIVCIACSPDGMLMATASEKGTIIRVFKTIDTENDEP
ILVNEFRRGSRPSRISEMKFNHDNTLLACVGESDTIHIFALPVTTTEADANEDDTLQQSSHSLSSSINGLQYISKGLANR
FGKIIVSKIPTQSQQRHVAYIKIPENAKYRIGFPKDTTNTIHICGEDGNYLVYSIPRNEVGPCTLVKSNTFD
;
A,B
2 'polypeptide(L)' SKDAEKLNDEIISLNIENSLLQDKLTALQAEYDKLIQRWLAKAQSEADAMNQGLA C,D
#
# COMPACT_ATOMS: atom_id res chain seq x y z
N MET A 1 34.64 -12.58 21.50
CA MET A 1 34.09 -11.49 22.31
C MET A 1 32.62 -11.56 22.64
N ALA A 2 32.20 -10.48 23.28
CA ALA A 2 30.82 -10.37 23.71
C ALA A 2 29.92 -10.06 22.54
N LEU A 3 28.62 -10.24 22.79
CA LEU A 3 27.58 -10.01 21.79
C LEU A 3 27.35 -8.50 21.82
N LYS A 4 28.20 -7.76 21.13
CA LYS A 4 28.08 -6.30 21.16
C LYS A 4 27.15 -5.80 20.03
N LEU A 5 27.14 -4.44 19.89
CA LEU A 5 26.41 -3.64 18.87
C LEU A 5 24.87 -3.74 18.71
N LEU A 6 24.12 -3.67 19.83
CA LEU A 6 22.65 -3.72 19.75
C LEU A 6 22.01 -2.53 19.01
N GLY A 7 20.94 -2.79 18.24
CA GLY A 7 20.19 -1.75 17.51
C GLY A 7 18.71 -1.78 17.88
N PHE A 8 18.10 -0.62 18.14
CA PHE A 8 16.68 -0.63 18.54
C PHE A 8 15.71 -0.01 17.54
N ASN A 9 14.66 -0.77 17.24
CA ASN A 9 13.55 -0.46 16.32
C ASN A 9 12.71 0.71 16.82
N GLN A 10 12.35 1.60 15.89
CA GLN A 10 11.54 2.77 16.23
C GLN A 10 10.34 2.43 17.09
N ASP A 11 9.50 1.53 16.60
CA ASP A 11 8.25 1.16 17.25
C ASP A 11 8.46 0.24 18.47
N ALA A 12 9.71 0.00 18.89
CA ALA A 12 10.07 -0.87 20.00
C ALA A 12 9.50 -2.27 19.81
N THR A 13 9.20 -2.62 18.56
CA THR A 13 8.70 -3.96 18.23
C THR A 13 9.81 -4.99 18.35
N CYS A 14 11.00 -4.68 17.83
CA CYS A 14 12.06 -5.66 17.78
C CYS A 14 13.40 -4.95 17.80
N PHE A 15 14.47 -5.73 17.99
CA PHE A 15 15.79 -5.12 18.04
C PHE A 15 16.77 -5.86 17.15
N SER A 16 17.88 -5.19 16.86
CA SER A 16 18.96 -5.70 16.03
C SER A 16 20.16 -6.03 16.89
N VAL A 17 20.68 -7.25 16.79
CA VAL A 17 21.83 -7.67 17.60
C VAL A 17 22.84 -8.34 16.69
N ILE A 18 24.07 -7.83 16.74
CA ILE A 18 25.17 -8.42 16.00
C ILE A 18 25.78 -9.47 16.91
N SER A 19 25.55 -10.72 16.57
CA SER A 19 26.23 -11.81 17.25
C SER A 19 27.66 -11.83 16.73
N SER A 20 28.62 -11.94 17.65
CA SER A 20 30.02 -11.91 17.28
C SER A 20 30.43 -13.17 16.56
N ASN A 21 29.60 -14.22 16.65
CA ASN A 21 29.83 -15.47 15.97
C ASN A 21 29.64 -15.36 14.46
N LYS A 22 28.42 -15.07 14.01
CA LYS A 22 28.13 -15.07 12.59
C LYS A 22 26.97 -14.15 12.26
N GLY A 23 27.26 -13.15 11.44
CA GLY A 23 26.20 -12.37 10.87
C GLY A 23 25.59 -11.48 11.95
N VAL A 24 24.29 -11.26 11.80
CA VAL A 24 23.53 -10.44 12.73
C VAL A 24 22.12 -11.00 12.80
N THR A 25 21.64 -11.24 14.02
CA THR A 25 20.30 -11.77 14.20
C THR A 25 19.35 -10.63 14.62
N ILE A 26 18.07 -10.79 14.27
CA ILE A 26 16.98 -9.88 14.64
C ILE A 26 15.83 -10.67 15.28
N TYR A 27 15.48 -10.32 16.51
CA TYR A 27 14.44 -11.02 17.27
C TYR A 27 13.15 -10.19 17.23
N ASN A 28 12.06 -10.74 17.78
CA ASN A 28 10.73 -10.07 17.86
C ASN A 28 10.18 -10.13 19.29
N CYS A 29 9.70 -9.00 19.82
CA CYS A 29 9.19 -8.93 21.22
C CYS A 29 7.92 -9.74 21.51
N ASP A 30 6.87 -9.68 20.69
CA ASP A 30 5.67 -10.51 20.99
C ASP A 30 5.16 -11.16 19.70
N PRO A 31 5.03 -12.50 19.65
CA PRO A 31 5.81 -13.40 20.51
C PRO A 31 7.29 -13.36 20.13
N PHE A 32 8.17 -13.60 21.11
CA PHE A 32 9.64 -13.57 20.88
C PHE A 32 10.04 -14.70 19.92
N GLY A 33 10.63 -14.32 18.80
CA GLY A 33 11.08 -15.35 17.86
C GLY A 33 12.17 -14.79 16.99
N LYS A 34 12.98 -15.69 16.45
CA LYS A 34 14.02 -15.30 15.50
C LYS A 34 13.34 -14.75 14.25
N CYS A 35 13.23 -13.43 14.15
CA CYS A 35 12.55 -12.85 12.99
C CYS A 35 13.41 -12.93 11.73
N PHE A 36 14.68 -12.56 11.83
CA PHE A 36 15.55 -12.55 10.67
C PHE A 36 17.00 -12.83 11.08
N GLU A 37 17.70 -13.64 10.28
CA GLU A 37 19.06 -14.03 10.63
C GLU A 37 19.93 -13.92 9.38
N LEU A 38 20.84 -12.94 9.38
CA LEU A 38 21.72 -12.76 8.23
C LEU A 38 22.79 -13.81 8.27
N GLU A 39 23.12 -14.31 7.09
CA GLU A 39 24.04 -15.43 6.98
C GLU A 39 25.49 -14.98 7.14
N LYS A 40 26.40 -15.92 6.86
CA LYS A 40 27.81 -15.68 7.04
C LYS A 40 28.29 -14.72 5.97
N SER A 41 28.92 -13.63 6.41
CA SER A 41 29.58 -12.73 5.50
C SER A 41 30.91 -12.28 6.10
N THR A 42 31.58 -13.20 6.78
CA THR A 42 32.74 -12.89 7.62
C THR A 42 33.98 -13.55 7.07
N SER A 43 35.13 -13.10 7.60
CA SER A 43 36.44 -13.73 7.36
C SER A 43 37.35 -13.73 8.57
N ASN A 44 37.09 -12.93 9.61
CA ASN A 44 37.89 -12.90 10.83
C ASN A 44 36.93 -12.78 12.03
N ASP A 45 37.45 -13.00 13.27
CA ASP A 45 36.55 -13.14 14.43
C ASP A 45 36.02 -11.83 15.04
N GLU A 46 36.84 -10.78 15.13
CA GLU A 46 36.50 -9.54 15.82
C GLU A 46 36.16 -8.41 14.85
N GLU A 47 35.82 -8.75 13.62
CA GLU A 47 35.42 -7.74 12.64
C GLU A 47 33.90 -7.70 12.68
N LEU A 48 33.37 -6.50 12.77
CA LEU A 48 31.99 -6.31 13.18
C LEU A 48 31.24 -5.58 12.07
N ASP A 49 29.99 -5.99 11.91
CA ASP A 49 28.96 -5.23 11.22
C ASP A 49 28.60 -4.04 12.09
N PHE A 50 28.61 -2.85 11.52
CA PHE A 50 28.39 -1.68 12.34
C PHE A 50 26.94 -1.18 12.30
N LEU A 51 26.40 -0.78 11.13
CA LEU A 51 25.21 0.06 11.10
C LEU A 51 23.99 -0.66 10.52
N VAL A 52 22.93 -0.75 11.32
CA VAL A 52 21.61 -1.25 10.92
C VAL A 52 20.47 -0.41 11.49
N GLU A 53 19.66 0.16 10.61
CA GLU A 53 18.39 0.76 10.96
C GLU A 53 17.33 0.10 10.08
N MET A 54 16.14 -0.07 10.63
CA MET A 54 15.10 -0.85 9.99
C MET A 54 13.81 -0.05 9.87
N LEU A 55 12.82 -0.67 9.25
CA LEU A 55 11.49 -0.09 9.22
C LEU A 55 10.76 -0.46 10.50
N PHE A 56 9.45 -0.23 10.51
CA PHE A 56 8.70 -0.46 11.74
C PHE A 56 8.58 -1.94 12.09
N SER A 57 7.85 -2.68 11.28
CA SER A 57 7.64 -4.11 11.49
C SER A 57 7.70 -4.81 10.14
N THR A 58 8.32 -4.15 9.18
CA THR A 58 8.19 -4.60 7.81
C THR A 58 9.34 -5.52 7.47
N SER A 59 9.49 -5.78 6.19
CA SER A 59 10.57 -6.61 5.70
C SER A 59 11.76 -5.78 5.25
N LEU A 60 11.61 -4.45 5.23
CA LEU A 60 12.64 -3.54 4.70
C LEU A 60 13.71 -3.15 5.72
N ILE A 61 14.99 -3.43 5.38
CA ILE A 61 16.12 -3.16 6.24
C ILE A 61 17.16 -2.27 5.55
N ALA A 62 17.81 -1.40 6.32
CA ALA A 62 19.00 -0.66 5.88
C ALA A 62 20.27 -1.21 6.55
N VAL A 63 21.14 -1.86 5.76
CA VAL A 63 22.41 -2.46 6.21
C VAL A 63 23.62 -1.79 5.58
N VAL A 64 24.72 -1.72 6.33
CA VAL A 64 25.83 -0.87 5.88
C VAL A 64 27.11 -1.62 5.55
N ASP A 65 27.81 -2.13 6.56
CA ASP A 65 29.12 -2.72 6.31
C ASP A 65 29.24 -4.07 7.02
N LYS A 66 30.18 -4.86 6.52
CA LYS A 66 30.47 -6.14 7.14
C LYS A 66 31.95 -6.21 7.51
N THR A 67 32.81 -5.97 6.54
CA THR A 67 34.28 -6.01 6.61
C THR A 67 34.83 -4.81 7.38
N ILE A 68 36.06 -4.96 7.89
CA ILE A 68 36.68 -3.83 8.59
C ILE A 68 36.88 -2.68 7.62
N GLY A 69 37.35 -2.98 6.40
CA GLY A 69 37.54 -1.93 5.43
C GLY A 69 37.18 -2.20 3.98
N ALA A 70 36.84 -3.46 3.62
CA ALA A 70 36.65 -3.78 2.21
C ALA A 70 35.51 -3.01 1.53
N SER A 71 34.34 -2.95 2.16
CA SER A 71 33.20 -2.22 1.57
C SER A 71 32.37 -1.65 2.70
N LYS A 72 32.92 -0.68 3.42
CA LYS A 72 32.24 -0.14 4.59
C LYS A 72 31.81 1.30 4.48
N ARG A 73 32.75 2.19 4.20
CA ARG A 73 32.46 3.63 4.16
C ARG A 73 31.43 3.95 3.09
N LYS A 74 31.52 3.26 1.96
CA LYS A 74 30.69 3.63 0.82
C LYS A 74 29.64 2.60 0.46
N LYS A 75 28.81 2.20 1.41
CA LYS A 75 27.83 1.17 1.08
C LYS A 75 26.56 1.41 1.87
N LEU A 76 25.45 1.04 1.25
CA LEU A 76 24.16 1.04 1.93
C LEU A 76 23.27 0.12 1.12
N LYS A 77 22.77 -0.95 1.72
CA LYS A 77 21.98 -1.94 0.99
C LYS A 77 20.56 -1.94 1.54
N ILE A 78 19.59 -2.13 0.66
CA ILE A 78 18.19 -2.22 1.07
C ILE A 78 17.67 -3.60 0.74
N VAL A 79 17.45 -4.39 1.79
CA VAL A 79 17.15 -5.82 1.69
C VAL A 79 15.75 -6.13 2.18
N ASN A 80 15.12 -7.10 1.54
CA ASN A 80 13.89 -7.69 2.02
C ASN A 80 14.24 -8.91 2.85
N THR A 81 13.69 -9.00 4.06
CA THR A 81 13.97 -10.11 4.95
C THR A 81 13.34 -11.40 4.45
N LYS A 82 12.16 -11.31 3.84
CA LYS A 82 11.43 -12.52 3.47
C LYS A 82 12.00 -13.20 2.23
N ARG A 83 12.82 -12.51 1.42
CA ARG A 83 13.38 -13.10 0.22
C ARG A 83 14.90 -12.94 0.18
N LYS A 84 15.48 -12.30 1.20
CA LYS A 84 16.92 -12.18 1.39
C LYS A 84 17.59 -11.48 0.20
N ALA A 85 16.85 -10.63 -0.52
CA ALA A 85 17.41 -10.02 -1.72
C ALA A 85 17.69 -8.54 -1.52
N THR A 86 18.75 -8.08 -2.18
CA THR A 86 19.19 -6.69 -2.17
C THR A 86 18.49 -5.92 -3.28
N ILE A 87 17.92 -4.76 -2.99
CA ILE A 87 17.17 -4.08 -4.05
C ILE A 87 18.01 -2.96 -4.65
N CYS A 88 18.32 -1.97 -3.82
CA CYS A 88 19.08 -0.79 -4.24
C CYS A 88 20.32 -0.69 -3.36
N GLU A 89 21.44 -0.35 -4.01
CA GLU A 89 22.80 -0.34 -3.46
C GLU A 89 23.42 1.04 -3.67
N LEU A 90 23.31 1.92 -2.67
CA LEU A 90 23.82 3.28 -2.80
C LEU A 90 25.26 3.41 -2.30
N THR A 91 25.96 4.36 -2.91
CA THR A 91 27.37 4.62 -2.67
C THR A 91 27.57 6.09 -2.29
N PHE A 92 28.44 6.32 -1.32
CA PHE A 92 28.61 7.62 -0.69
C PHE A 92 30.09 7.97 -0.54
N PRO A 93 30.44 9.24 -0.67
CA PRO A 93 31.84 9.64 -0.72
C PRO A 93 32.58 9.56 0.60
N HIS A 94 31.93 9.21 1.71
CA HIS A 94 32.62 9.17 2.99
C HIS A 94 32.12 7.97 3.76
N GLU A 95 32.52 7.91 5.03
CA GLU A 95 32.19 6.79 5.90
C GLU A 95 30.88 7.08 6.61
N ILE A 96 29.99 6.09 6.61
CA ILE A 96 28.71 6.24 7.29
C ILE A 96 28.94 6.17 8.79
N MET A 97 28.26 7.05 9.52
CA MET A 97 28.28 7.01 10.98
C MET A 97 26.94 6.68 11.63
N ASP A 98 25.81 7.03 11.02
CA ASP A 98 24.50 6.66 11.56
C ASP A 98 23.48 6.67 10.43
N VAL A 99 22.41 5.90 10.61
CA VAL A 99 21.29 5.85 9.67
C VAL A 99 19.99 5.84 10.45
N ILE A 100 19.11 6.82 10.14
CA ILE A 100 17.78 6.90 10.74
C ILE A 100 16.73 6.88 9.64
N MET A 101 15.64 6.14 9.88
CA MET A 101 14.55 6.05 8.93
C MET A 101 13.23 6.43 9.59
N ASN A 102 12.25 6.69 8.74
CA ASN A 102 10.85 6.74 9.16
C ASN A 102 10.05 6.27 7.95
N ARG A 103 8.76 6.55 7.94
CA ARG A 103 7.87 6.08 6.90
C ARG A 103 7.97 6.86 5.61
N LYS A 104 8.69 7.99 5.59
CA LYS A 104 8.71 8.80 4.39
C LYS A 104 10.13 9.20 4.00
N ILE A 105 11.01 9.40 4.97
CA ILE A 105 12.31 10.01 4.72
C ILE A 105 13.40 9.10 5.29
N ILE A 106 14.40 8.76 4.47
CA ILE A 106 15.62 8.11 4.95
C ILE A 106 16.78 9.09 5.03
N CYS A 107 17.39 9.18 6.21
CA CYS A 107 18.60 9.97 6.41
C CYS A 107 19.82 9.08 6.58
N VAL A 108 20.92 9.51 5.97
CA VAL A 108 22.22 8.87 6.06
C VAL A 108 23.23 9.92 6.53
N VAL A 109 23.94 9.61 7.60
CA VAL A 109 24.91 10.54 8.19
C VAL A 109 26.30 10.08 7.80
N LEU A 110 27.13 11.01 7.35
CA LEU A 110 28.48 10.66 6.99
C LEU A 110 29.41 11.09 8.10
N LYS A 111 30.66 10.63 8.00
CA LYS A 111 31.67 11.00 8.98
C LYS A 111 32.09 12.44 8.77
N SER A 112 31.90 12.93 7.54
CA SER A 112 32.27 14.30 7.20
C SER A 112 31.09 15.23 7.43
N ASP A 113 30.20 14.85 8.34
CA ASP A 113 29.08 15.67 8.80
C ASP A 113 28.15 16.07 7.65
N GLN A 114 28.05 15.20 6.64
CA GLN A 114 27.08 15.42 5.56
C GLN A 114 25.85 14.58 5.84
N ILE A 115 24.68 15.17 5.65
CA ILE A 115 23.43 14.48 5.93
C ILE A 115 22.63 14.39 4.64
N PHE A 116 22.35 13.16 4.21
CA PHE A 116 21.65 12.91 2.95
C PHE A 116 20.20 12.61 3.22
N VAL A 117 19.32 13.34 2.55
CA VAL A 117 17.88 13.26 2.79
C VAL A 117 17.22 12.68 1.55
N TYR A 118 16.51 11.57 1.71
CA TYR A 118 15.92 10.89 0.57
C TYR A 118 14.41 10.79 0.73
N ASP A 119 13.68 11.04 -0.35
CA ASP A 119 12.30 10.62 -0.38
C ASP A 119 12.26 9.11 -0.57
N ILE A 120 11.70 8.40 0.41
CA ILE A 120 11.78 6.95 0.42
C ILE A 120 10.89 6.27 -0.62
N SER A 121 9.92 6.97 -1.21
CA SER A 121 9.07 6.31 -2.19
C SER A 121 9.77 6.10 -3.50
N CYS A 122 10.77 6.90 -3.79
CA CYS A 122 11.52 6.81 -5.03
C CYS A 122 13.04 6.94 -4.86
N MET A 123 13.54 7.11 -3.63
CA MET A 123 14.97 7.28 -3.33
C MET A 123 15.66 8.47 -4.02
N LYS A 124 14.96 9.56 -4.25
CA LYS A 124 15.57 10.78 -4.76
C LYS A 124 16.17 11.60 -3.63
N LEU A 125 17.44 11.97 -3.77
CA LEU A 125 18.08 12.78 -2.73
C LEU A 125 17.44 14.17 -2.74
N LEU A 126 16.84 14.52 -1.59
CA LEU A 126 16.16 15.80 -1.46
C LEU A 126 17.17 16.94 -1.24
N ARG A 127 18.07 16.75 -0.28
CA ARG A 127 19.02 17.81 0.02
C ARG A 127 20.26 17.23 0.68
N THR A 128 21.41 17.77 0.29
CA THR A 128 22.69 17.49 0.90
C THR A 128 23.03 18.53 1.96
N ILE A 129 23.36 18.08 3.17
CA ILE A 129 23.53 19.05 4.26
C ILE A 129 24.98 19.17 4.71
N ASP A 130 25.68 20.15 4.14
CA ASP A 130 27.06 20.44 4.52
C ASP A 130 27.03 21.16 5.86
N VAL A 131 27.08 20.41 6.94
CA VAL A 131 27.15 21.02 8.27
C VAL A 131 28.57 21.50 8.55
N ARG A 132 29.55 20.59 8.36
CA ARG A 132 30.96 20.91 8.51
C ARG A 132 31.46 21.73 7.33
N GLY A 133 30.72 21.72 6.22
CA GLY A 133 31.10 22.56 5.10
C GLY A 133 30.86 24.04 5.34
N GLU A 134 29.98 24.37 6.29
CA GLU A 134 29.70 25.76 6.64
C GLU A 134 30.73 26.32 7.61
N LYS A 135 30.88 25.70 8.78
CA LYS A 135 31.75 26.22 9.84
C LYS A 135 32.82 25.20 10.26
N ILE A 151 34.26 14.94 18.42
CA ILE A 151 33.71 13.59 18.47
C ILE A 151 32.97 13.28 17.18
N GLY A 152 31.85 13.95 16.99
CA GLY A 152 31.01 13.75 15.82
C GLY A 152 29.65 14.38 16.00
N VAL A 153 28.94 14.47 14.88
CA VAL A 153 27.60 15.05 14.80
C VAL A 153 26.56 14.05 15.27
N ARG A 154 25.65 14.49 16.15
CA ARG A 154 24.57 13.64 16.62
C ARG A 154 23.25 14.11 16.02
N VAL A 155 22.54 13.18 15.37
CA VAL A 155 21.32 13.43 14.62
C VAL A 155 20.19 12.60 15.22
N SER A 156 18.97 13.15 15.22
CA SER A 156 17.77 12.41 15.64
C SER A 156 16.57 12.75 14.75
N LEU A 157 15.57 11.87 14.73
CA LEU A 157 14.47 12.02 13.80
C LEU A 157 13.12 11.54 14.34
N SER A 158 12.06 12.28 14.01
CA SER A 158 10.72 11.89 14.40
C SER A 158 10.26 10.59 13.72
N THR A 159 9.39 9.86 14.42
CA THR A 159 9.00 8.55 13.94
C THR A 159 7.79 8.62 13.03
N ASP A 160 6.82 9.44 13.43
CA ASP A 160 5.57 9.57 12.71
C ASP A 160 5.80 10.37 11.43
N ASN A 161 4.74 10.60 10.67
CA ASN A 161 4.83 11.53 9.56
C ASN A 161 4.93 12.95 10.11
N ASN A 162 5.06 13.88 9.19
CA ASN A 162 5.63 15.19 9.45
C ASN A 162 6.93 14.96 10.20
N SER A 163 7.78 14.17 9.55
CA SER A 163 9.01 13.76 10.21
C SER A 163 9.91 14.97 10.30
N ILE A 164 10.50 15.19 11.47
CA ILE A 164 11.30 16.39 11.70
C ILE A 164 12.72 16.02 12.09
N LEU A 165 13.70 16.60 11.40
CA LEU A 165 15.10 16.26 11.60
C LEU A 165 15.80 17.23 12.56
N CYS A 166 16.57 16.68 13.48
CA CYS A 166 17.31 17.49 14.44
C CYS A 166 18.79 17.13 14.42
N TYR A 167 19.64 18.13 14.27
CA TYR A 167 21.05 17.85 14.26
C TYR A 167 21.78 18.93 15.04
N SER A 168 22.97 18.59 15.48
CA SER A 168 23.82 19.47 16.25
C SER A 168 24.78 20.11 15.27
N SER A 169 24.84 21.43 15.30
CA SER A 169 25.69 22.18 14.40
C SER A 169 26.60 23.04 15.26
N TYR A 170 27.72 23.44 14.67
CA TYR A 170 28.73 24.22 15.37
C TYR A 170 28.26 25.65 15.55
N SER A 171 28.91 26.34 16.47
CA SER A 171 28.52 27.71 16.74
C SER A 171 29.42 28.67 15.99
N LYS A 172 29.25 29.95 16.28
CA LYS A 172 30.03 31.03 15.67
C LYS A 172 31.20 31.43 16.56
N SER A 173 32.04 30.45 16.85
CA SER A 173 33.28 30.67 17.60
C SER A 173 34.39 29.80 17.01
N ASP A 174 34.30 29.50 15.71
CA ASP A 174 35.27 28.61 15.06
C ASP A 174 36.64 29.26 14.96
N LYS A 175 36.65 30.60 14.87
CA LYS A 175 37.89 31.37 14.88
C LYS A 175 38.58 31.28 16.25
N GLU A 176 37.81 31.43 17.32
CA GLU A 176 38.31 31.34 18.70
C GLU A 176 38.80 29.92 19.03
N ASN A 177 38.06 28.87 18.62
CA ASN A 177 38.45 27.48 18.88
C ASN A 177 37.79 26.55 17.86
N ALA A 178 38.40 25.36 17.69
CA ALA A 178 37.88 24.41 16.72
C ALA A 178 36.52 23.77 17.02
N PRO A 179 36.18 23.30 18.25
CA PRO A 179 34.90 22.57 18.40
C PRO A 179 33.75 23.18 19.23
N LEU A 180 32.53 23.20 18.66
CA LEU A 180 31.35 23.71 19.36
C LEU A 180 30.09 22.97 18.92
N ASN A 181 29.02 23.12 19.71
CA ASN A 181 27.73 22.48 19.40
C ASN A 181 26.51 23.27 19.84
N ASP A 182 25.78 23.72 18.84
CA ASP A 182 24.44 24.26 18.89
C ASP A 182 23.53 23.22 18.24
N ILE A 183 22.24 23.51 18.22
CA ILE A 183 21.23 22.59 17.68
C ILE A 183 20.49 23.25 16.53
N VAL A 184 20.17 22.47 15.51
CA VAL A 184 19.40 22.98 14.38
C VAL A 184 18.21 22.06 14.15
N VAL A 185 17.02 22.67 14.14
CA VAL A 185 15.77 21.99 13.81
C VAL A 185 15.52 22.13 12.32
N PHE A 186 15.28 21.02 11.64
CA PHE A 186 15.08 21.02 10.19
C PHE A 186 13.81 20.25 9.86
N ASP A 187 12.92 20.86 9.07
CA ASP A 187 11.80 20.12 8.50
C ASP A 187 12.31 19.41 7.27
N ALA A 188 12.47 18.09 7.37
CA ALA A 188 12.91 17.34 6.19
C ALA A 188 11.79 17.13 5.21
N LEU A 189 10.54 17.39 5.60
CA LEU A 189 9.43 17.12 4.70
C LEU A 189 9.42 18.11 3.53
N LYS A 190 9.57 19.40 3.83
CA LYS A 190 9.61 20.43 2.79
C LYS A 190 11.02 20.94 2.56
N CYS A 191 12.02 20.34 3.23
CA CYS A 191 13.42 20.77 3.17
C CYS A 191 13.58 22.24 3.55
N ILE A 192 12.86 22.67 4.59
CA ILE A 192 12.85 24.05 5.04
C ILE A 192 13.39 24.06 6.47
N GLN A 193 14.44 24.83 6.73
CA GLN A 193 14.96 24.96 8.09
C GLN A 193 13.97 25.71 8.97
N ILE A 194 13.59 25.10 10.11
CA ILE A 194 12.58 25.70 10.97
C ILE A 194 13.22 26.55 12.06
N ASN A 195 14.04 25.97 12.91
CA ASN A 195 14.54 26.77 14.02
C ASN A 195 15.98 26.40 14.33
N VAL A 196 16.76 27.46 14.56
CA VAL A 196 18.19 27.30 14.94
C VAL A 196 18.26 27.64 16.43
N LEU A 197 18.69 26.68 17.25
CA LEU A 197 18.81 26.87 18.70
C LEU A 197 20.22 27.35 19.02
N PRO A 198 20.43 28.24 19.97
CA PRO A 198 21.80 28.65 20.27
C PRO A 198 22.53 27.52 20.98
N ALA A 199 23.70 27.86 21.48
CA ALA A 199 24.50 26.95 22.27
C ALA A 199 23.74 26.68 23.55
N VAL A 200 23.14 25.49 23.61
CA VAL A 200 22.42 25.15 24.80
C VAL A 200 23.42 24.64 25.81
N HIS A 201 24.65 24.45 25.36
CA HIS A 201 25.64 23.83 26.18
C HIS A 201 26.96 24.53 25.95
N GLN A 202 27.74 24.60 27.01
CA GLN A 202 29.11 25.07 26.96
C GLN A 202 30.04 23.93 26.56
N SER A 203 29.49 22.79 26.18
CA SER A 203 30.28 21.64 25.81
C SER A 203 29.71 20.99 24.56
N ASN A 204 30.24 19.82 24.24
CA ASN A 204 29.74 19.13 23.07
C ASN A 204 28.44 18.41 23.37
N ILE A 205 27.81 18.01 22.28
CA ILE A 205 26.54 17.35 22.31
C ILE A 205 26.81 15.88 22.05
N VAL A 206 26.33 15.02 22.95
CA VAL A 206 26.70 13.62 22.93
C VAL A 206 25.62 12.77 22.29
N CYS A 207 24.37 13.07 22.62
CA CYS A 207 23.23 12.38 22.05
C CYS A 207 22.02 13.30 22.07
N ILE A 208 21.19 13.13 21.04
CA ILE A 208 20.01 13.90 20.75
C ILE A 208 18.87 12.91 20.55
N ALA A 209 17.73 13.17 21.19
CA ALA A 209 16.52 12.39 21.00
C ALA A 209 15.36 13.29 20.62
N CYS A 210 14.61 12.89 19.60
CA CYS A 210 13.42 13.62 19.21
C CYS A 210 12.17 12.82 19.41
N SER A 211 11.09 13.54 19.72
CA SER A 211 9.86 12.89 20.12
C SER A 211 9.24 12.20 18.90
N PRO A 212 8.44 11.16 19.11
CA PRO A 212 7.80 10.49 17.96
C PRO A 212 6.82 11.34 17.16
N ASP A 213 6.10 12.28 17.75
CA ASP A 213 5.25 13.23 17.04
C ASP A 213 6.01 14.46 16.56
N GLY A 214 7.30 14.55 16.85
CA GLY A 214 8.13 15.63 16.37
C GLY A 214 8.00 16.95 17.08
N MET A 215 7.34 16.99 18.25
CA MET A 215 7.14 18.26 18.94
C MET A 215 8.19 18.55 20.01
N LEU A 216 8.96 17.56 20.44
CA LEU A 216 9.89 17.75 21.54
C LEU A 216 11.31 17.24 21.24
N MET A 217 12.25 17.69 22.07
CA MET A 217 13.66 17.42 21.81
C MET A 217 14.50 17.53 23.09
N ALA A 218 15.43 16.58 23.27
CA ALA A 218 16.33 16.54 24.41
C ALA A 218 17.78 16.68 23.93
N THR A 219 18.66 17.14 24.82
CA THR A 219 20.05 17.41 24.47
C THR A 219 20.94 16.90 25.59
N ALA A 220 22.07 16.31 25.23
CA ALA A 220 22.94 15.68 26.21
C ALA A 220 24.35 16.22 26.07
N SER A 221 24.89 16.70 27.17
CA SER A 221 26.23 17.23 27.21
C SER A 221 27.15 16.17 27.78
N GLU A 222 28.42 16.27 27.40
CA GLU A 222 29.42 15.36 27.94
C GLU A 222 29.88 15.80 29.33
N LYS A 223 30.05 17.09 29.53
CA LYS A 223 30.54 17.47 30.85
C LYS A 223 29.39 17.66 31.84
N GLY A 224 28.35 18.37 31.42
CA GLY A 224 27.25 18.64 32.32
C GLY A 224 26.34 17.46 32.64
N THR A 225 26.10 16.59 31.66
CA THR A 225 25.17 15.48 31.83
C THR A 225 23.83 15.94 32.40
N ILE A 226 23.33 17.07 31.90
CA ILE A 226 22.04 17.62 32.30
C ILE A 226 21.22 17.75 31.04
N ILE A 227 20.09 17.06 31.04
CA ILE A 227 19.25 16.99 29.85
C ILE A 227 18.35 18.22 29.76
N ARG A 228 18.41 18.91 28.63
CA ARG A 228 17.56 20.06 28.36
C ARG A 228 16.55 19.62 27.32
N VAL A 229 15.31 20.03 27.53
CA VAL A 229 14.19 19.69 26.64
C VAL A 229 13.69 20.99 26.03
N PHE A 230 13.63 21.05 24.69
CA PHE A 230 13.15 22.25 24.04
C PHE A 230 11.92 21.93 23.21
N LYS A 231 11.04 22.91 23.07
CA LYS A 231 9.95 22.76 22.11
C LYS A 231 10.56 22.76 20.72
N THR A 232 9.95 21.99 19.81
CA THR A 232 10.59 21.80 18.53
C THR A 232 10.12 22.79 17.48
N ILE A 233 8.83 22.77 17.17
CA ILE A 233 8.30 23.47 16.01
C ILE A 233 7.39 24.64 16.42
N ASP A 234 6.45 24.38 17.32
CA ASP A 234 5.49 25.42 17.74
C ASP A 234 6.15 26.54 18.55
N THR A 235 7.41 26.39 18.94
CA THR A 235 8.15 27.36 19.73
C THR A 235 8.19 28.71 19.04
N GLU A 236 8.11 29.78 19.84
CA GLU A 236 8.07 31.13 19.31
C GLU A 236 9.30 31.41 18.46
N ASN A 237 9.05 32.14 17.36
CA ASN A 237 10.12 32.53 16.45
C ASN A 237 11.14 33.41 17.15
N ASP A 238 10.67 34.31 18.04
CA ASP A 238 11.60 35.23 18.70
C ASP A 238 12.65 34.46 19.49
N GLU A 239 12.22 33.44 20.26
CA GLU A 239 13.20 32.70 21.04
C GLU A 239 12.73 31.27 21.25
N PRO A 240 13.65 30.29 21.28
CA PRO A 240 13.21 28.91 21.49
C PRO A 240 12.72 28.73 22.92
N ILE A 241 11.80 27.80 23.15
CA ILE A 241 11.23 27.64 24.48
C ILE A 241 11.83 26.38 25.08
N LEU A 242 12.45 26.56 26.24
CA LEU A 242 12.98 25.48 27.06
C LEU A 242 11.87 24.92 27.95
N VAL A 243 11.74 23.61 28.01
CA VAL A 243 10.65 23.02 28.78
C VAL A 243 11.11 22.70 30.20
N ASN A 244 12.09 21.81 30.37
CA ASN A 244 12.54 21.46 31.71
C ASN A 244 13.97 20.94 31.67
N GLU A 245 14.53 20.71 32.87
CA GLU A 245 15.86 20.13 33.03
C GLU A 245 15.77 19.01 34.08
N PHE A 246 16.67 18.02 33.97
CA PHE A 246 16.71 16.88 34.89
C PHE A 246 17.99 16.65 35.67
N ARG A 247 17.82 16.36 36.96
CA ARG A 247 18.93 16.12 37.87
C ARG A 247 19.74 14.92 37.37
N ARG A 248 21.06 15.10 37.30
CA ARG A 248 21.99 14.06 36.84
C ARG A 248 22.08 12.87 37.78
N GLY A 249 22.04 13.10 39.09
CA GLY A 249 22.37 12.07 40.04
C GLY A 249 23.60 12.46 40.83
N SER A 250 24.32 11.47 41.33
CA SER A 250 25.46 11.73 42.18
C SER A 250 26.74 11.88 41.38
N ARG A 251 26.74 11.49 40.11
CA ARG A 251 27.99 11.44 39.42
C ARG A 251 27.79 11.75 37.95
N PRO A 252 28.66 12.58 37.38
CA PRO A 252 28.58 12.88 35.96
C PRO A 252 28.91 11.65 35.14
N SER A 253 28.08 11.38 34.14
CA SER A 253 28.17 10.17 33.35
C SER A 253 27.82 10.49 31.90
N ARG A 254 28.51 9.84 30.98
CA ARG A 254 28.27 10.04 29.55
C ARG A 254 26.96 9.36 29.19
N ILE A 255 26.13 10.06 28.41
CA ILE A 255 24.83 9.58 28.00
C ILE A 255 24.94 8.99 26.59
N SER A 256 24.24 7.88 26.34
CA SER A 256 24.30 7.16 25.06
C SER A 256 23.04 7.24 24.20
N GLU A 257 21.85 7.12 24.79
CA GLU A 257 20.63 7.03 24.01
C GLU A 257 19.43 7.46 24.83
N MET A 258 18.57 8.28 24.23
CA MET A 258 17.37 8.72 24.93
C MET A 258 16.16 8.47 24.05
N LYS A 259 15.00 8.37 24.69
CA LYS A 259 13.79 8.11 23.94
C LYS A 259 12.63 8.83 24.60
N PHE A 260 11.60 9.11 23.79
CA PHE A 260 10.43 9.85 24.22
C PHE A 260 9.21 8.95 24.11
N ASN A 261 8.36 8.99 25.12
CA ASN A 261 7.15 8.18 25.16
C ASN A 261 6.13 8.68 24.11
N HIS A 262 5.15 7.82 23.78
CA HIS A 262 4.19 8.18 22.73
C HIS A 262 3.24 9.27 23.14
N ASP A 263 2.87 9.33 24.39
CA ASP A 263 2.11 10.47 24.86
C ASP A 263 3.01 11.62 25.28
N ASN A 264 4.34 11.47 25.10
CA ASN A 264 5.34 12.50 25.43
C ASN A 264 5.31 12.93 26.87
N THR A 265 4.97 11.99 27.75
CA THR A 265 4.96 12.25 29.17
C THR A 265 6.24 11.73 29.80
N LEU A 266 6.91 10.79 29.14
CA LEU A 266 8.03 10.07 29.71
C LEU A 266 9.26 10.13 28.81
N LEU A 267 10.40 10.25 29.46
CA LEU A 267 11.69 10.28 28.80
C LEU A 267 12.62 9.28 29.50
N ALA A 268 13.28 8.43 28.70
CA ALA A 268 14.22 7.46 29.25
C ALA A 268 15.64 7.84 28.86
N CYS A 269 16.59 7.58 29.76
CA CYS A 269 17.98 7.95 29.54
C CYS A 269 18.88 6.80 29.99
N VAL A 270 19.81 6.40 29.13
CA VAL A 270 20.74 5.32 29.46
C VAL A 270 22.17 5.71 29.10
N GLY A 271 23.14 5.12 29.80
CA GLY A 271 24.52 5.43 29.49
C GLY A 271 25.58 4.66 30.25
N GLU A 272 26.74 5.28 30.48
CA GLU A 272 27.79 4.60 31.20
C GLU A 272 27.55 4.72 32.68
N SER A 273 26.35 4.37 33.11
CA SER A 273 26.05 4.53 34.52
C SER A 273 25.48 3.23 35.04
N ASP A 274 25.29 3.21 36.35
CA ASP A 274 24.78 2.04 37.04
C ASP A 274 23.29 1.88 36.88
N THR A 275 22.61 2.96 36.52
CA THR A 275 21.16 3.02 36.57
C THR A 275 20.59 3.61 35.29
N ILE A 276 19.33 3.28 35.01
CA ILE A 276 18.57 3.88 33.91
C ILE A 276 17.56 4.81 34.53
N HIS A 277 17.59 6.09 34.13
CA HIS A 277 16.73 7.09 34.74
C HIS A 277 15.43 7.26 33.93
N ILE A 278 14.33 7.61 34.62
CA ILE A 278 13.04 7.89 33.97
C ILE A 278 12.56 9.29 34.39
N PHE A 279 12.33 10.14 33.38
CA PHE A 279 11.87 11.51 33.53
C PHE A 279 10.42 11.68 33.11
N ALA A 280 9.64 12.35 33.96
CA ALA A 280 8.26 12.63 33.61
C ALA A 280 8.16 14.01 32.96
N LEU A 281 7.02 14.24 32.29
CA LEU A 281 6.98 15.52 31.61
C LEU A 281 5.81 16.37 32.07
N PRO A 282 6.01 17.67 32.16
CA PRO A 282 4.93 18.56 32.60
C PRO A 282 4.00 19.09 31.51
N VAL A 283 3.97 18.46 30.32
CA VAL A 283 3.17 18.98 29.20
C VAL A 283 1.68 19.03 29.56
N THR A 284 1.19 17.92 30.11
CA THR A 284 -0.14 17.82 30.69
C THR A 284 -0.11 18.37 32.12
N GLN A 335 9.89 15.83 39.28
CA GLN A 335 10.64 16.58 38.26
C GLN A 335 12.10 16.20 38.11
N ARG A 336 12.82 16.15 39.24
CA ARG A 336 14.24 15.80 39.19
C ARG A 336 14.46 14.34 38.77
N HIS A 337 13.69 13.41 39.33
CA HIS A 337 13.86 11.97 39.10
C HIS A 337 12.50 11.28 39.20
N VAL A 338 12.28 10.16 38.49
CA VAL A 338 10.96 9.52 38.70
C VAL A 338 11.04 8.01 38.92
N ALA A 339 11.48 7.25 37.91
CA ALA A 339 11.58 5.80 38.02
C ALA A 339 13.00 5.42 37.64
N TYR A 340 13.66 4.61 38.46
CA TYR A 340 15.03 4.20 38.16
C TYR A 340 15.15 2.70 38.04
N ILE A 341 15.81 2.24 36.97
CA ILE A 341 16.02 0.82 36.78
C ILE A 341 17.50 0.52 36.99
N LYS A 342 17.81 -0.41 37.89
CA LYS A 342 19.19 -0.76 38.19
C LYS A 342 19.79 -1.50 37.00
N ILE A 343 21.10 -1.35 36.82
CA ILE A 343 21.67 -1.94 35.62
C ILE A 343 23.09 -2.42 35.94
N PRO A 344 23.59 -3.54 35.37
CA PRO A 344 24.98 -3.95 35.66
C PRO A 344 26.02 -2.98 35.08
N GLU A 345 27.13 -2.79 35.81
CA GLU A 345 27.95 -1.59 35.58
C GLU A 345 28.59 -1.51 34.20
N ASN A 346 29.58 -2.36 33.91
CA ASN A 346 30.31 -2.26 32.65
C ASN A 346 29.66 -3.19 31.63
N ALA A 347 28.42 -2.84 31.33
CA ALA A 347 27.65 -3.54 30.32
C ALA A 347 26.68 -2.50 29.80
N LYS A 348 26.46 -2.53 28.51
CA LYS A 348 25.75 -1.47 27.83
C LYS A 348 24.37 -1.93 27.39
N TYR A 349 23.41 -1.01 27.45
CA TYR A 349 22.02 -1.31 27.25
C TYR A 349 21.39 -0.26 26.34
N ARG A 350 20.23 -0.63 25.77
CA ARG A 350 19.45 0.22 24.87
C ARG A 350 17.97 0.27 25.26
N ILE A 351 17.30 1.40 24.96
CA ILE A 351 15.98 1.60 25.51
C ILE A 351 14.94 1.51 24.40
N GLY A 352 13.70 1.34 24.83
CA GLY A 352 12.54 1.42 23.94
C GLY A 352 11.27 1.24 24.76
N PHE A 353 10.13 1.68 24.15
CA PHE A 353 8.79 1.44 24.70
C PHE A 353 7.79 1.46 23.56
N PRO A 354 6.82 0.55 23.55
CA PRO A 354 5.94 0.40 22.41
C PRO A 354 4.78 1.37 22.48
N LYS A 355 3.90 1.27 21.51
CA LYS A 355 2.76 2.16 21.43
C LYS A 355 1.50 1.68 22.16
N ASP A 356 1.43 0.40 22.53
CA ASP A 356 0.21 -0.11 23.15
C ASP A 356 -0.07 0.49 24.54
N THR A 357 0.95 0.65 25.36
CA THR A 357 0.76 1.15 26.70
C THR A 357 1.90 2.06 27.09
N THR A 358 1.65 2.89 28.09
CA THR A 358 2.65 3.81 28.60
C THR A 358 3.30 3.33 29.88
N ASN A 359 3.00 2.10 30.31
CA ASN A 359 3.59 1.59 31.55
C ASN A 359 4.67 0.57 31.28
N THR A 360 4.89 0.21 30.03
CA THR A 360 5.84 -0.84 29.71
C THR A 360 7.01 -0.21 28.99
N ILE A 361 8.20 -0.59 29.44
CA ILE A 361 9.46 -0.15 28.87
C ILE A 361 10.24 -1.40 28.50
N HIS A 362 10.65 -1.48 27.24
CA HIS A 362 11.44 -2.60 26.79
C HIS A 362 12.91 -2.25 27.00
N ILE A 363 13.72 -3.26 27.36
CA ILE A 363 15.13 -3.09 27.73
C ILE A 363 15.95 -4.15 26.98
N CYS A 364 16.94 -3.68 26.24
CA CYS A 364 17.89 -4.51 25.50
C CYS A 364 19.26 -4.48 26.17
N GLY A 365 19.88 -5.65 26.33
CA GLY A 365 21.14 -5.77 27.05
C GLY A 365 22.17 -6.60 26.28
N GLU A 366 23.44 -6.18 26.38
CA GLU A 366 24.51 -6.93 25.71
C GLU A 366 24.94 -8.18 26.46
N ASP A 367 24.44 -8.38 27.68
CA ASP A 367 24.71 -9.57 28.47
C ASP A 367 23.99 -10.81 27.94
N GLY A 368 23.00 -10.62 27.07
CA GLY A 368 22.17 -11.71 26.61
C GLY A 368 20.75 -11.70 27.15
N ASN A 369 20.39 -10.72 27.97
CA ASN A 369 19.08 -10.67 28.61
C ASN A 369 18.27 -9.53 28.00
N TYR A 370 16.98 -9.80 27.79
CA TYR A 370 16.01 -8.82 27.30
C TYR A 370 14.93 -8.65 28.36
N LEU A 371 14.71 -7.42 28.83
CA LEU A 371 13.84 -7.15 29.96
C LEU A 371 12.69 -6.23 29.60
N VAL A 372 11.55 -6.41 30.27
CA VAL A 372 10.39 -5.54 30.15
C VAL A 372 9.99 -5.07 31.53
N TYR A 373 10.09 -3.77 31.76
CA TYR A 373 9.83 -3.17 33.06
C TYR A 373 8.50 -2.43 33.06
N SER A 374 7.93 -2.29 34.25
CA SER A 374 6.71 -1.52 34.46
C SER A 374 7.06 -0.19 35.11
N ILE A 375 6.21 0.81 34.88
CA ILE A 375 6.55 2.12 35.40
C ILE A 375 5.57 2.49 36.50
N PRO A 376 6.08 3.04 37.60
CA PRO A 376 5.18 3.44 38.68
C PRO A 376 4.76 4.87 38.38
N ARG A 377 3.46 5.06 38.21
CA ARG A 377 2.96 6.37 37.85
C ARG A 377 3.15 7.41 38.95
N ASN A 378 2.81 7.07 40.19
CA ASN A 378 2.84 8.02 41.29
C ASN A 378 3.87 7.74 42.38
N GLU A 379 4.76 6.80 42.18
CA GLU A 379 5.73 6.46 43.20
C GLU A 379 7.14 6.72 42.69
N VAL A 380 7.99 7.17 43.60
CA VAL A 380 9.36 7.46 43.22
C VAL A 380 10.12 6.15 43.32
N GLY A 381 9.39 5.04 43.46
CA GLY A 381 10.08 3.80 43.61
C GLY A 381 10.64 3.36 42.27
N PRO A 382 11.40 2.28 42.32
CA PRO A 382 12.01 1.72 41.11
C PRO A 382 11.00 1.00 40.22
N CYS A 383 11.45 0.72 39.02
CA CYS A 383 10.60 0.06 38.07
C CYS A 383 10.46 -1.42 38.43
N THR A 384 9.41 -2.03 37.91
CA THR A 384 9.03 -3.39 38.22
C THR A 384 9.15 -4.29 37.00
N LEU A 385 9.89 -5.39 37.15
CA LEU A 385 10.08 -6.31 36.05
C LEU A 385 8.82 -7.11 35.78
N VAL A 386 8.50 -7.30 34.49
CA VAL A 386 7.30 -8.00 34.07
C VAL A 386 7.61 -9.24 33.24
N LYS A 387 8.39 -9.08 32.17
CA LYS A 387 8.63 -10.16 31.24
C LYS A 387 10.12 -10.16 30.93
N SER A 388 10.67 -11.32 30.61
CA SER A 388 12.10 -11.38 30.38
C SER A 388 12.35 -12.51 29.40
N ASN A 389 13.43 -12.38 28.64
CA ASN A 389 13.86 -13.49 27.81
C ASN A 389 15.34 -13.34 27.49
N THR A 390 15.91 -14.42 26.99
CA THR A 390 17.34 -14.59 26.81
C THR A 390 17.72 -14.66 25.34
N PHE A 391 18.91 -14.13 25.03
CA PHE A 391 19.41 -14.06 23.67
C PHE A 391 20.02 -15.37 23.15
N ASP A 392 20.65 -15.24 22.00
CA ASP A 392 21.47 -16.26 21.37
C ASP A 392 22.76 -15.55 20.95
N MET B 1 -18.51 16.41 -27.62
CA MET B 1 -19.63 15.53 -27.32
C MET B 1 -19.82 15.32 -25.83
N ALA B 2 -20.75 14.43 -25.52
CA ALA B 2 -21.06 14.15 -24.14
C ALA B 2 -19.96 13.30 -23.53
N LEU B 3 -19.96 13.24 -22.21
CA LEU B 3 -18.97 12.49 -21.44
C LEU B 3 -19.46 11.04 -21.44
N LYS B 4 -19.19 10.32 -22.54
CA LYS B 4 -19.66 8.94 -22.63
C LYS B 4 -18.70 7.87 -22.07
N LEU B 5 -19.09 6.61 -22.35
CA LEU B 5 -18.38 5.35 -22.03
C LEU B 5 -18.06 5.08 -20.56
N LEU B 6 -19.05 5.24 -19.68
CA LEU B 6 -18.84 4.96 -18.25
C LEU B 6 -18.55 3.48 -17.92
N GLY B 7 -17.65 3.25 -16.96
CA GLY B 7 -17.30 1.90 -16.49
C GLY B 7 -17.53 1.80 -14.99
N PHE B 8 -18.15 0.72 -14.52
CA PHE B 8 -18.41 0.60 -13.09
C PHE B 8 -17.63 -0.51 -12.35
N ASN B 9 -17.07 -0.12 -11.20
CA ASN B 9 -16.21 -0.93 -10.28
C ASN B 9 -16.99 -2.11 -9.66
N GLN B 10 -16.30 -3.22 -9.38
CA GLN B 10 -16.95 -4.43 -8.81
C GLN B 10 -17.51 -4.17 -7.41
N ASP B 11 -16.74 -3.47 -6.57
CA ASP B 11 -17.07 -3.17 -5.18
C ASP B 11 -17.89 -1.88 -5.00
N ALA B 12 -18.34 -1.25 -6.09
CA ALA B 12 -19.11 0.00 -6.09
C ALA B 12 -18.38 1.12 -5.35
N THR B 13 -17.06 1.00 -5.22
CA THR B 13 -16.25 2.04 -4.58
C THR B 13 -16.10 3.27 -5.46
N CYS B 14 -15.86 3.05 -6.74
CA CYS B 14 -15.57 4.12 -7.69
C CYS B 14 -15.98 3.70 -9.08
N PHE B 15 -15.98 4.67 -10.01
CA PHE B 15 -16.38 4.36 -11.38
C PHE B 15 -15.37 4.94 -12.34
N SER B 16 -15.41 4.44 -13.57
CA SER B 16 -14.53 4.86 -14.64
C SER B 16 -15.32 5.70 -15.63
N VAL B 17 -14.83 6.90 -15.92
CA VAL B 17 -15.50 7.82 -16.83
C VAL B 17 -14.50 8.37 -17.85
N ILE B 18 -14.84 8.22 -19.11
CA ILE B 18 -14.04 8.76 -20.19
C ILE B 18 -14.61 10.16 -20.39
N SER B 19 -13.83 11.15 -19.99
CA SER B 19 -14.21 12.51 -20.32
C SER B 19 -13.88 12.70 -21.78
N SER B 20 -14.81 13.27 -22.53
CA SER B 20 -14.56 13.41 -23.96
C SER B 20 -13.51 14.47 -24.24
N ASN B 21 -13.19 15.31 -23.26
CA ASN B 21 -12.15 16.31 -23.42
C ASN B 21 -10.74 15.75 -23.45
N LYS B 22 -10.31 15.13 -22.35
CA LYS B 22 -8.92 14.67 -22.28
C LYS B 22 -8.78 13.51 -21.31
N GLY B 23 -8.36 12.36 -21.85
CA GLY B 23 -7.94 11.23 -21.04
C GLY B 23 -9.15 10.55 -20.39
N VAL B 24 -8.91 10.02 -19.20
CA VAL B 24 -9.98 9.34 -18.47
C VAL B 24 -9.77 9.54 -16.99
N THR B 25 -10.81 9.99 -16.33
CA THR B 25 -10.81 10.24 -14.90
C THR B 25 -11.54 9.10 -14.17
N ILE B 26 -11.12 8.86 -12.93
CA ILE B 26 -11.74 7.87 -12.06
C ILE B 26 -12.06 8.58 -10.75
N TYR B 27 -13.33 8.57 -10.36
CA TYR B 27 -13.69 9.29 -9.15
C TYR B 27 -13.85 8.29 -8.02
N ASN B 28 -14.01 8.78 -6.80
CA ASN B 28 -14.31 7.94 -5.65
C ASN B 28 -15.71 8.23 -5.18
N CYS B 29 -16.25 7.34 -4.35
CA CYS B 29 -17.63 7.57 -3.84
C CYS B 29 -17.57 8.17 -2.44
N ASP B 30 -16.90 7.52 -1.49
CA ASP B 30 -16.83 8.11 -0.13
C ASP B 30 -15.36 8.21 0.31
N PRO B 31 -14.86 9.41 0.68
CA PRO B 31 -15.44 10.67 0.21
C PRO B 31 -15.18 10.85 -1.30
N PHE B 32 -16.07 11.55 -1.98
CA PHE B 32 -15.96 11.78 -3.44
C PHE B 32 -14.71 12.62 -3.75
N GLY B 33 -13.89 12.14 -4.70
CA GLY B 33 -12.69 12.81 -5.16
C GLY B 33 -12.25 12.39 -6.55
N LYS B 34 -11.30 13.16 -7.10
CA LYS B 34 -10.57 12.76 -8.31
C LYS B 34 -9.51 11.75 -7.88
N CYS B 35 -9.83 10.46 -8.05
CA CYS B 35 -8.94 9.39 -7.63
C CYS B 35 -7.73 9.24 -8.56
N PHE B 36 -7.99 9.22 -9.87
CA PHE B 36 -6.93 9.02 -10.85
C PHE B 36 -7.28 9.74 -12.14
N GLU B 37 -6.29 10.38 -12.77
CA GLU B 37 -6.55 11.18 -13.96
C GLU B 37 -5.49 10.89 -15.02
N LEU B 38 -5.88 10.22 -16.11
CA LEU B 38 -4.94 9.88 -17.18
C LEU B 38 -4.66 11.10 -18.04
N GLU B 39 -3.40 11.23 -18.44
CA GLU B 39 -2.95 12.43 -19.15
C GLU B 39 -3.38 12.38 -20.62
N LYS B 40 -2.85 13.33 -21.39
CA LYS B 40 -3.19 13.48 -22.80
C LYS B 40 -2.59 12.33 -23.59
N SER B 41 -3.43 11.64 -24.33
CA SER B 41 -2.93 10.65 -25.27
C SER B 41 -3.73 10.72 -26.57
N THR B 42 -4.09 11.94 -26.98
CA THR B 42 -5.06 12.16 -28.05
C THR B 42 -4.42 12.85 -29.24
N SER B 43 -5.15 12.84 -30.36
CA SER B 43 -4.81 13.61 -31.57
C SER B 43 -5.99 14.19 -32.33
N ASN B 44 -7.22 13.72 -32.10
CA ASN B 44 -8.45 14.23 -32.72
C ASN B 44 -9.53 14.28 -31.62
N ASP B 45 -10.68 14.95 -31.92
CA ASP B 45 -11.66 15.25 -30.84
C ASP B 45 -12.63 14.11 -30.44
N GLU B 46 -13.12 13.30 -31.38
CA GLU B 46 -14.16 12.28 -31.17
C GLU B 46 -13.61 10.86 -31.13
N GLU B 47 -12.32 10.71 -30.91
CA GLU B 47 -11.73 9.39 -30.80
C GLU B 47 -11.67 9.04 -29.31
N LEU B 48 -12.14 7.84 -28.96
CA LEU B 48 -12.48 7.54 -27.59
C LEU B 48 -11.66 6.36 -27.08
N ASP B 49 -11.30 6.47 -25.80
CA ASP B 49 -10.84 5.34 -25.00
C ASP B 49 -12.05 4.46 -24.71
N PHE B 50 -11.95 3.16 -24.98
CA PHE B 50 -13.12 2.31 -24.83
C PHE B 50 -13.16 1.55 -23.50
N LEU B 51 -12.17 0.71 -23.21
CA LEU B 51 -12.29 -0.33 -22.19
C LEU B 51 -11.38 -0.08 -20.99
N VAL B 52 -11.99 0.04 -19.81
CA VAL B 52 -11.27 0.12 -18.53
C VAL B 52 -12.02 -0.74 -17.51
N GLU B 53 -11.33 -1.74 -16.96
CA GLU B 53 -11.80 -2.47 -15.80
C GLU B 53 -10.71 -2.42 -14.74
N MET B 54 -11.14 -2.37 -13.51
CA MET B 54 -10.23 -2.12 -12.43
C MET B 54 -10.35 -3.20 -11.38
N LEU B 55 -9.50 -3.03 -10.39
CA LEU B 55 -9.55 -3.84 -9.20
C LEU B 55 -10.56 -3.21 -8.27
N PHE B 56 -10.55 -3.65 -7.04
CA PHE B 56 -11.56 -3.17 -6.12
C PHE B 56 -11.36 -1.72 -5.76
N SER B 57 -10.31 -1.41 -5.03
CA SER B 57 -10.06 -0.03 -4.65
C SER B 57 -8.56 0.27 -4.77
N THR B 58 -7.85 -0.51 -5.56
CA THR B 58 -6.41 -0.53 -5.57
C THR B 58 -5.83 0.40 -6.62
N SER B 59 -4.53 0.21 -6.86
CA SER B 59 -3.84 0.99 -7.87
C SER B 59 -3.79 0.25 -9.18
N LEU B 60 -4.24 -1.00 -9.22
CA LEU B 60 -4.09 -1.81 -10.42
C LEU B 60 -5.26 -1.55 -11.37
N ILE B 61 -4.93 -1.14 -12.58
CA ILE B 61 -5.92 -0.82 -13.59
C ILE B 61 -5.63 -1.64 -14.84
N ALA B 62 -6.68 -2.05 -15.55
CA ALA B 62 -6.57 -2.62 -16.90
C ALA B 62 -7.05 -1.61 -17.95
N VAL B 63 -6.13 -1.07 -18.76
CA VAL B 63 -6.45 -0.09 -19.82
C VAL B 63 -6.16 -0.66 -21.21
N VAL B 64 -6.99 -0.26 -22.20
CA VAL B 64 -6.94 -0.94 -23.50
C VAL B 64 -6.48 -0.04 -24.65
N ASP B 65 -7.30 0.92 -25.10
CA ASP B 65 -6.93 1.69 -26.29
C ASP B 65 -7.11 3.17 -26.09
N LYS B 66 -6.42 3.96 -26.93
CA LYS B 66 -6.56 5.41 -26.91
C LYS B 66 -6.95 5.91 -28.29
N THR B 67 -6.14 5.52 -29.27
CA THR B 67 -6.27 5.90 -30.65
C THR B 67 -7.46 5.12 -31.20
N ILE B 68 -8.03 5.62 -32.29
CA ILE B 68 -9.14 4.90 -32.90
C ILE B 68 -8.66 3.54 -33.39
N GLY B 69 -7.48 3.50 -34.02
CA GLY B 69 -6.93 2.24 -34.50
C GLY B 69 -5.44 1.97 -34.38
N ALA B 70 -4.63 2.95 -33.95
CA ALA B 70 -3.19 2.78 -33.97
C ALA B 70 -2.73 1.65 -33.06
N SER B 71 -3.23 1.60 -31.85
CA SER B 71 -2.79 0.54 -31.00
C SER B 71 -3.96 0.21 -30.09
N LYS B 72 -5.02 -0.32 -30.70
CA LYS B 72 -6.25 -0.59 -29.97
C LYS B 72 -6.59 -2.06 -29.83
N ARG B 73 -6.69 -2.77 -30.95
CA ARG B 73 -7.12 -4.16 -30.93
C ARG B 73 -6.15 -5.03 -30.16
N LYS B 74 -4.86 -4.75 -30.29
CA LYS B 74 -3.84 -5.63 -29.73
C LYS B 74 -3.07 -5.01 -28.60
N LYS B 75 -3.77 -4.54 -27.58
CA LYS B 75 -3.04 -3.88 -26.51
C LYS B 75 -3.75 -4.16 -25.21
N LEU B 76 -2.94 -4.24 -24.17
CA LEU B 76 -3.44 -4.30 -22.81
C LEU B 76 -2.30 -3.87 -21.90
N LYS B 77 -2.53 -2.81 -21.14
CA LYS B 77 -1.51 -2.21 -20.28
C LYS B 77 -1.96 -2.36 -18.85
N ILE B 78 -1.01 -2.60 -17.95
CA ILE B 78 -1.28 -2.70 -16.51
C ILE B 78 -0.55 -1.59 -15.76
N VAL B 79 -1.30 -0.61 -15.26
CA VAL B 79 -0.75 0.62 -14.70
C VAL B 79 -1.02 0.73 -13.21
N ASN B 80 -0.06 1.32 -12.49
CA ASN B 80 -0.21 1.73 -11.10
C ASN B 80 -0.65 3.19 -11.09
N THR B 81 -1.71 3.50 -10.35
CA THR B 81 -2.22 4.87 -10.30
C THR B 81 -1.30 5.80 -9.56
N LYS B 82 -0.65 5.32 -8.51
CA LYS B 82 0.13 6.24 -7.69
C LYS B 82 1.44 6.64 -8.34
N ARG B 83 1.89 5.87 -9.36
CA ARG B 83 3.15 6.18 -10.02
C ARG B 83 3.04 6.28 -11.54
N LYS B 84 1.85 6.07 -12.10
CA LYS B 84 1.58 6.27 -13.52
C LYS B 84 2.46 5.41 -14.45
N ALA B 85 2.95 4.26 -14.02
CA ALA B 85 3.86 3.50 -14.86
C ALA B 85 3.19 2.24 -15.42
N THR B 86 3.58 1.87 -16.62
CA THR B 86 3.06 0.66 -17.26
C THR B 86 3.95 -0.50 -16.88
N ILE B 87 3.34 -1.60 -16.44
CA ILE B 87 4.15 -2.70 -15.97
C ILE B 87 4.22 -3.77 -17.05
N CYS B 88 3.10 -4.38 -17.43
CA CYS B 88 3.13 -5.44 -18.44
C CYS B 88 2.22 -5.04 -19.58
N GLU B 89 2.68 -5.29 -20.79
CA GLU B 89 2.02 -4.81 -22.00
C GLU B 89 1.75 -6.02 -22.89
N LEU B 90 0.57 -6.59 -22.76
CA LEU B 90 0.24 -7.79 -23.51
C LEU B 90 -0.42 -7.41 -24.82
N THR B 91 -0.21 -8.27 -25.79
CA THR B 91 -0.65 -8.13 -27.17
C THR B 91 -1.45 -9.34 -27.59
N PHE B 92 -2.53 -9.08 -28.33
CA PHE B 92 -3.54 -10.07 -28.65
C PHE B 92 -3.92 -10.01 -30.12
N PRO B 93 -4.21 -11.18 -30.71
CA PRO B 93 -4.43 -11.25 -32.16
C PRO B 93 -5.73 -10.66 -32.65
N HIS B 94 -6.60 -10.17 -31.79
CA HIS B 94 -7.85 -9.64 -32.29
C HIS B 94 -8.22 -8.40 -31.48
N GLU B 95 -9.43 -7.90 -31.68
CA GLU B 95 -9.85 -6.68 -31.03
C GLU B 95 -10.51 -7.03 -29.70
N ILE B 96 -10.11 -6.31 -28.66
CA ILE B 96 -10.68 -6.54 -27.34
C ILE B 96 -12.09 -5.96 -27.35
N MET B 97 -13.03 -6.68 -26.75
CA MET B 97 -14.39 -6.17 -26.58
C MET B 97 -14.76 -5.96 -25.13
N ASP B 98 -14.22 -6.75 -24.19
CA ASP B 98 -14.48 -6.54 -22.78
C ASP B 98 -13.33 -7.16 -21.98
N VAL B 99 -13.13 -6.64 -20.77
CA VAL B 99 -12.14 -7.15 -19.80
C VAL B 99 -12.81 -7.16 -18.44
N ILE B 100 -12.80 -8.31 -17.79
CA ILE B 100 -13.32 -8.44 -16.43
C ILE B 100 -12.19 -8.99 -15.57
N MET B 101 -12.04 -8.45 -14.37
CA MET B 101 -11.01 -8.91 -13.45
C MET B 101 -11.62 -9.33 -12.13
N ASN B 102 -10.83 -10.05 -11.34
CA ASN B 102 -11.15 -10.24 -9.93
C ASN B 102 -9.83 -10.37 -9.20
N ARG B 103 -9.87 -10.91 -7.99
CA ARG B 103 -8.70 -11.01 -7.14
C ARG B 103 -7.78 -12.16 -7.52
N LYS B 104 -8.20 -13.03 -8.43
CA LYS B 104 -7.39 -14.19 -8.75
C LYS B 104 -7.25 -14.36 -10.25
N ILE B 105 -8.29 -14.00 -11.01
CA ILE B 105 -8.37 -14.33 -12.43
C ILE B 105 -8.63 -13.08 -13.25
N ILE B 106 -7.81 -12.84 -14.29
CA ILE B 106 -8.10 -11.81 -15.30
C ILE B 106 -8.60 -12.44 -16.59
N CYS B 107 -9.77 -12.00 -17.06
CA CYS B 107 -10.30 -12.42 -18.35
C CYS B 107 -10.22 -11.31 -19.40
N VAL B 108 -9.85 -11.68 -20.64
CA VAL B 108 -9.82 -10.77 -21.77
C VAL B 108 -10.69 -11.36 -22.86
N VAL B 109 -11.63 -10.57 -23.36
CA VAL B 109 -12.58 -11.02 -24.37
C VAL B 109 -12.16 -10.40 -25.71
N LEU B 110 -12.13 -11.21 -26.75
CA LEU B 110 -11.77 -10.73 -28.07
C LEU B 110 -13.03 -10.58 -28.92
N LYS B 111 -12.88 -9.92 -30.07
CA LYS B 111 -14.01 -9.76 -30.98
C LYS B 111 -14.36 -11.08 -31.65
N SER B 112 -13.38 -11.96 -31.74
CA SER B 112 -13.54 -13.27 -32.38
C SER B 112 -13.95 -14.29 -31.35
N ASP B 113 -14.60 -13.82 -30.29
CA ASP B 113 -15.18 -14.66 -29.26
C ASP B 113 -14.13 -15.56 -28.60
N GLN B 114 -12.88 -15.09 -28.51
CA GLN B 114 -11.86 -15.81 -27.77
C GLN B 114 -11.70 -15.21 -26.38
N ILE B 115 -11.60 -16.07 -25.38
CA ILE B 115 -11.52 -15.64 -24.00
C ILE B 115 -10.21 -16.13 -23.41
N PHE B 116 -9.36 -15.19 -22.99
CA PHE B 116 -8.05 -15.52 -22.47
C PHE B 116 -8.13 -15.49 -20.96
N VAL B 117 -7.71 -16.56 -20.31
CA VAL B 117 -7.85 -16.69 -18.86
C VAL B 117 -6.45 -16.69 -18.25
N TYR B 118 -6.20 -15.75 -17.34
CA TYR B 118 -4.88 -15.58 -16.77
C TYR B 118 -4.90 -15.72 -15.25
N ASP B 119 -3.91 -16.43 -14.74
CA ASP B 119 -3.60 -16.35 -13.33
C ASP B 119 -2.92 -15.01 -13.15
N ILE B 120 -3.54 -14.14 -12.35
CA ILE B 120 -3.09 -12.78 -12.24
C ILE B 120 -1.79 -12.63 -11.47
N SER B 121 -1.39 -13.66 -10.73
CA SER B 121 -0.14 -13.55 -9.97
C SER B 121 1.11 -13.65 -10.85
N CYS B 122 1.01 -14.28 -12.01
CA CYS B 122 2.17 -14.41 -12.87
C CYS B 122 1.82 -14.15 -14.33
N MET B 123 0.55 -13.84 -14.63
CA MET B 123 0.10 -13.60 -15.99
C MET B 123 0.34 -14.79 -16.91
N LYS B 124 0.27 -16.00 -16.36
CA LYS B 124 0.37 -17.18 -17.21
C LYS B 124 -1.03 -17.45 -17.75
N LEU B 125 -1.13 -17.60 -19.07
CA LEU B 125 -2.41 -17.89 -19.70
C LEU B 125 -2.82 -19.29 -19.28
N LEU B 126 -3.95 -19.39 -18.59
CA LEU B 126 -4.42 -20.70 -18.15
C LEU B 126 -5.06 -21.46 -19.31
N ARG B 127 -5.98 -20.84 -20.04
CA ARG B 127 -6.64 -21.55 -21.13
C ARG B 127 -7.20 -20.58 -22.17
N THR B 128 -7.07 -20.96 -23.43
CA THR B 128 -7.70 -20.24 -24.52
C THR B 128 -9.04 -20.89 -24.86
N ILE B 129 -10.11 -20.09 -24.87
CA ILE B 129 -11.47 -20.59 -25.01
C ILE B 129 -12.02 -20.20 -26.39
N ASP B 130 -11.88 -21.09 -27.35
CA ASP B 130 -12.40 -20.93 -28.71
C ASP B 130 -13.91 -21.18 -28.68
N VAL B 131 -14.68 -20.10 -28.45
CA VAL B 131 -16.14 -20.22 -28.49
C VAL B 131 -16.66 -20.25 -29.92
N ARG B 132 -16.25 -19.28 -30.74
CA ARG B 132 -16.62 -19.27 -32.14
C ARG B 132 -15.86 -20.31 -32.93
N GLY B 133 -14.76 -20.81 -32.39
CA GLY B 133 -14.04 -21.88 -33.06
C GLY B 133 -14.76 -23.22 -33.02
N GLU B 134 -15.68 -23.39 -32.06
CA GLU B 134 -16.45 -24.63 -31.97
C GLU B 134 -17.64 -24.62 -32.93
N LYS B 135 -18.54 -23.65 -32.77
CA LYS B 135 -19.77 -23.62 -33.56
C LYS B 135 -19.91 -22.32 -34.36
N ILE B 151 -24.66 -10.24 -32.75
CA ILE B 151 -24.17 -9.05 -32.06
C ILE B 151 -22.76 -9.29 -31.55
N GLY B 152 -22.66 -10.17 -30.56
CA GLY B 152 -21.41 -10.51 -29.93
C GLY B 152 -21.64 -11.28 -28.64
N VAL B 153 -20.54 -11.86 -28.14
CA VAL B 153 -20.55 -12.65 -26.90
C VAL B 153 -20.52 -11.74 -25.67
N ARG B 154 -21.40 -12.01 -24.72
CA ARG B 154 -21.44 -11.28 -23.46
C ARG B 154 -20.92 -12.16 -22.33
N VAL B 155 -19.94 -11.69 -21.60
CA VAL B 155 -19.29 -12.51 -20.58
C VAL B 155 -19.44 -11.83 -19.22
N SER B 156 -19.58 -12.63 -18.16
CA SER B 156 -19.60 -12.09 -16.80
C SER B 156 -18.86 -13.03 -15.86
N LEU B 157 -18.43 -12.47 -14.74
CA LEU B 157 -17.56 -13.15 -13.79
C LEU B 157 -17.80 -12.79 -12.32
N SER B 158 -17.69 -13.80 -11.45
CA SER B 158 -17.83 -13.55 -10.03
C SER B 158 -16.68 -12.69 -9.51
N THR B 159 -16.98 -11.95 -8.46
CA THR B 159 -16.09 -10.94 -7.88
C THR B 159 -15.20 -11.57 -6.81
N ASP B 160 -15.80 -12.42 -5.97
CA ASP B 160 -15.05 -13.00 -4.87
C ASP B 160 -14.10 -14.05 -5.44
N ASN B 161 -13.36 -14.70 -4.54
CA ASN B 161 -12.58 -15.86 -4.94
C ASN B 161 -13.49 -17.03 -5.21
N ASN B 162 -12.88 -18.14 -5.61
CA ASN B 162 -13.61 -19.15 -6.35
C ASN B 162 -14.34 -18.44 -7.47
N SER B 163 -13.55 -17.74 -8.26
CA SER B 163 -14.13 -16.91 -9.29
C SER B 163 -14.68 -17.84 -10.36
N ILE B 164 -15.90 -17.57 -10.80
CA ILE B 164 -16.61 -18.45 -11.73
C ILE B 164 -16.98 -17.70 -13.00
N LEU B 165 -16.64 -18.28 -14.15
CA LEU B 165 -16.84 -17.62 -15.43
C LEU B 165 -18.12 -18.05 -16.16
N CYS B 166 -18.87 -17.07 -16.71
CA CYS B 166 -20.10 -17.35 -17.43
C CYS B 166 -20.06 -16.70 -18.81
N TYR B 167 -20.32 -17.49 -19.85
CA TYR B 167 -20.31 -16.95 -21.20
C TYR B 167 -21.47 -17.54 -21.99
N SER B 168 -21.84 -16.85 -23.06
CA SER B 168 -22.93 -17.26 -23.92
C SER B 168 -22.34 -17.99 -25.12
N SER B 169 -22.84 -19.20 -25.40
CA SER B 169 -22.33 -20.00 -26.51
C SER B 169 -23.42 -20.39 -27.49
N TYR B 170 -23.03 -20.70 -28.73
CA TYR B 170 -24.00 -21.04 -29.75
C TYR B 170 -24.55 -22.44 -29.50
N SER B 171 -25.71 -22.73 -30.11
CA SER B 171 -26.34 -24.02 -29.92
C SER B 171 -25.98 -24.98 -31.06
N LYS B 172 -26.63 -26.16 -31.07
CA LYS B 172 -26.40 -27.15 -32.12
C LYS B 172 -27.47 -27.00 -33.18
N SER B 173 -27.53 -25.81 -33.71
CA SER B 173 -28.42 -25.48 -34.82
C SER B 173 -27.70 -24.56 -35.77
N ASP B 174 -26.37 -24.68 -35.81
CA ASP B 174 -25.55 -23.79 -36.63
C ASP B 174 -25.81 -24.12 -38.10
N LYS B 175 -26.14 -25.38 -38.36
CA LYS B 175 -26.53 -25.83 -39.69
C LYS B 175 -27.86 -25.19 -40.11
N GLU B 176 -28.86 -25.19 -39.21
CA GLU B 176 -30.16 -24.57 -39.48
C GLU B 176 -30.07 -23.04 -39.67
N ASN B 177 -29.29 -22.31 -38.83
CA ASN B 177 -29.14 -20.85 -38.94
C ASN B 177 -27.83 -20.41 -38.29
N ALA B 178 -27.34 -19.20 -38.72
CA ALA B 178 -26.07 -18.72 -38.16
C ALA B 178 -26.04 -18.30 -36.68
N PRO B 179 -27.05 -17.54 -36.13
CA PRO B 179 -26.90 -17.06 -34.74
C PRO B 179 -27.85 -17.60 -33.68
N LEU B 180 -27.29 -18.07 -32.55
CA LEU B 180 -28.04 -18.61 -31.41
C LEU B 180 -27.31 -18.31 -30.11
N ASN B 181 -28.02 -18.45 -28.99
CA ASN B 181 -27.34 -18.22 -27.71
C ASN B 181 -27.87 -19.09 -26.58
N ASP B 182 -27.02 -20.00 -26.11
CA ASP B 182 -27.16 -20.77 -24.87
C ASP B 182 -26.12 -20.27 -23.88
N ILE B 183 -26.12 -20.84 -22.68
CA ILE B 183 -25.23 -20.41 -21.60
C ILE B 183 -24.34 -21.57 -21.15
N VAL B 184 -23.08 -21.26 -20.83
CA VAL B 184 -22.13 -22.25 -20.31
C VAL B 184 -21.51 -21.72 -19.02
N VAL B 185 -21.60 -22.50 -17.93
CA VAL B 185 -20.94 -22.17 -16.65
C VAL B 185 -19.55 -22.79 -16.61
N PHE B 186 -18.53 -21.98 -16.32
CA PHE B 186 -17.13 -22.42 -16.31
C PHE B 186 -16.42 -22.01 -15.02
N ASP B 187 -15.76 -22.96 -14.35
CA ASP B 187 -14.84 -22.64 -13.24
C ASP B 187 -13.48 -22.24 -13.82
N ALA B 188 -13.15 -20.95 -13.76
CA ALA B 188 -11.85 -20.51 -14.25
C ALA B 188 -10.74 -20.80 -13.26
N LEU B 189 -11.07 -21.17 -12.02
CA LEU B 189 -10.03 -21.39 -11.02
C LEU B 189 -9.26 -22.64 -11.38
N LYS B 190 -10.00 -23.72 -11.67
CA LYS B 190 -9.41 -24.99 -12.07
C LYS B 190 -9.53 -25.24 -13.57
N CYS B 191 -10.04 -24.27 -14.33
CA CYS B 191 -10.28 -24.40 -15.77
C CYS B 191 -11.17 -25.61 -16.12
N ILE B 192 -12.22 -25.84 -15.34
CA ILE B 192 -13.12 -26.98 -15.53
C ILE B 192 -14.54 -26.49 -15.85
N GLN B 193 -15.09 -26.93 -16.98
CA GLN B 193 -16.48 -26.60 -17.31
C GLN B 193 -17.42 -27.29 -16.34
N ILE B 194 -18.28 -26.50 -15.71
CA ILE B 194 -19.19 -27.01 -14.69
C ILE B 194 -20.54 -27.41 -15.28
N ASN B 195 -21.26 -26.48 -15.89
CA ASN B 195 -22.60 -26.78 -16.34
C ASN B 195 -22.86 -26.06 -17.65
N VAL B 196 -23.55 -26.75 -18.55
CA VAL B 196 -23.94 -26.21 -19.84
C VAL B 196 -25.44 -26.01 -19.82
N LEU B 197 -25.84 -24.85 -19.97
CA LEU B 197 -27.27 -24.58 -19.99
C LEU B 197 -27.76 -24.58 -21.43
N PRO B 198 -28.98 -25.03 -21.66
CA PRO B 198 -29.52 -25.04 -23.03
C PRO B 198 -29.92 -23.68 -23.56
N ALA B 199 -30.60 -23.66 -24.71
CA ALA B 199 -31.11 -22.39 -25.23
C ALA B 199 -32.16 -21.90 -24.26
N VAL B 200 -31.80 -20.89 -23.46
CA VAL B 200 -32.73 -20.32 -22.51
C VAL B 200 -33.63 -19.27 -23.15
N HIS B 201 -33.34 -18.92 -24.40
CA HIS B 201 -34.01 -17.84 -25.10
C HIS B 201 -34.26 -18.20 -26.55
N GLN B 202 -35.36 -17.68 -27.07
CA GLN B 202 -35.64 -17.78 -28.48
C GLN B 202 -34.97 -16.66 -29.30
N SER B 203 -34.10 -15.86 -28.66
CA SER B 203 -33.42 -14.75 -29.33
C SER B 203 -31.94 -14.72 -28.89
N ASN B 204 -31.23 -13.63 -29.26
CA ASN B 204 -29.83 -13.46 -28.90
C ASN B 204 -29.70 -12.97 -27.46
N ILE B 205 -28.49 -13.07 -26.94
CA ILE B 205 -28.22 -12.69 -25.56
C ILE B 205 -27.53 -11.34 -25.58
N VAL B 206 -28.06 -10.39 -24.83
CA VAL B 206 -27.63 -9.01 -24.92
C VAL B 206 -26.70 -8.65 -23.77
N CYS B 207 -27.00 -9.11 -22.56
CA CYS B 207 -26.12 -8.86 -21.43
C CYS B 207 -26.28 -9.95 -20.38
N ILE B 208 -25.18 -10.27 -19.70
CA ILE B 208 -25.11 -11.34 -18.70
C ILE B 208 -24.51 -10.79 -17.40
N ALA B 209 -25.14 -11.09 -16.26
CA ALA B 209 -24.62 -10.77 -14.93
C ALA B 209 -24.53 -11.98 -14.02
N CYS B 210 -23.38 -12.15 -13.36
CA CYS B 210 -23.17 -13.21 -12.38
C CYS B 210 -22.95 -12.65 -10.96
N SER B 211 -23.39 -13.43 -9.98
CA SER B 211 -23.44 -12.97 -8.61
C SER B 211 -22.00 -12.83 -8.10
N PRO B 212 -21.77 -11.96 -7.12
CA PRO B 212 -20.41 -11.84 -6.58
C PRO B 212 -19.90 -13.10 -5.92
N ASP B 213 -20.75 -13.91 -5.29
CA ASP B 213 -20.32 -15.20 -4.77
C ASP B 213 -20.38 -16.32 -5.80
N GLY B 214 -20.79 -16.04 -7.03
CA GLY B 214 -20.78 -17.03 -8.10
C GLY B 214 -21.86 -18.07 -8.05
N MET B 215 -22.90 -17.86 -7.23
CA MET B 215 -23.97 -18.86 -7.11
C MET B 215 -25.16 -18.59 -8.03
N LEU B 216 -25.28 -17.37 -8.56
CA LEU B 216 -26.44 -16.95 -9.34
C LEU B 216 -26.02 -16.31 -10.66
N MET B 217 -26.98 -16.19 -11.57
CA MET B 217 -26.69 -15.76 -12.93
C MET B 217 -27.94 -15.20 -13.62
N ALA B 218 -27.79 -14.07 -14.32
CA ALA B 218 -28.93 -13.50 -15.03
C ALA B 218 -28.69 -13.49 -16.53
N THR B 219 -29.79 -13.47 -17.29
CA THR B 219 -29.75 -13.55 -18.74
C THR B 219 -30.72 -12.55 -19.36
N ALA B 220 -30.31 -11.91 -20.45
CA ALA B 220 -31.10 -10.85 -21.06
C ALA B 220 -31.31 -11.17 -22.54
N SER B 221 -32.56 -11.18 -22.99
CA SER B 221 -32.87 -11.47 -24.39
C SER B 221 -33.13 -10.15 -25.14
N GLU B 222 -32.89 -10.14 -26.46
CA GLU B 222 -33.24 -8.91 -27.17
C GLU B 222 -34.74 -8.83 -27.48
N LYS B 223 -35.37 -9.94 -27.87
CA LYS B 223 -36.79 -10.01 -28.25
C LYS B 223 -37.75 -10.25 -27.09
N GLY B 224 -37.43 -11.22 -26.22
CA GLY B 224 -38.34 -11.54 -25.12
C GLY B 224 -38.38 -10.48 -24.03
N THR B 225 -37.22 -9.89 -23.74
CA THR B 225 -36.96 -8.90 -22.68
C THR B 225 -37.49 -9.38 -21.33
N ILE B 226 -37.25 -10.67 -21.04
CA ILE B 226 -37.62 -11.29 -19.77
C ILE B 226 -36.36 -11.87 -19.16
N ILE B 227 -36.01 -11.41 -17.97
CA ILE B 227 -34.75 -11.84 -17.35
C ILE B 227 -34.97 -13.18 -16.65
N ARG B 228 -34.14 -14.18 -16.99
CA ARG B 228 -34.18 -15.50 -16.35
C ARG B 228 -32.97 -15.71 -15.43
N VAL B 229 -33.21 -16.30 -14.26
CA VAL B 229 -32.17 -16.55 -13.27
C VAL B 229 -31.99 -18.05 -13.06
N PHE B 230 -30.76 -18.54 -13.22
CA PHE B 230 -30.50 -19.96 -13.02
C PHE B 230 -29.48 -20.12 -11.90
N LYS B 231 -29.57 -21.24 -11.20
CA LYS B 231 -28.52 -21.62 -10.25
C LYS B 231 -27.26 -21.95 -11.03
N THR B 232 -26.10 -21.64 -10.44
CA THR B 232 -24.87 -21.76 -11.20
C THR B 232 -24.18 -23.11 -11.05
N ILE B 233 -23.77 -23.45 -9.84
CA ILE B 233 -22.88 -24.58 -9.61
C ILE B 233 -23.58 -25.72 -8.86
N ASP B 234 -24.26 -25.40 -7.75
CA ASP B 234 -24.92 -26.40 -6.91
C ASP B 234 -26.11 -27.06 -7.61
N THR B 235 -26.52 -26.51 -8.76
CA THR B 235 -27.64 -26.99 -9.55
C THR B 235 -27.47 -28.45 -9.93
N GLU B 236 -28.59 -29.17 -9.93
CA GLU B 236 -28.53 -30.60 -10.21
C GLU B 236 -27.91 -30.80 -11.59
N ASN B 237 -27.09 -31.85 -11.65
CA ASN B 237 -26.39 -32.24 -12.88
C ASN B 237 -27.41 -32.62 -13.98
N ASP B 238 -28.51 -33.29 -13.60
CA ASP B 238 -29.51 -33.76 -14.56
C ASP B 238 -30.12 -32.60 -15.36
N GLU B 239 -30.51 -31.52 -14.69
CA GLU B 239 -31.13 -30.39 -15.37
C GLU B 239 -30.82 -29.10 -14.65
N PRO B 240 -30.63 -27.99 -15.39
CA PRO B 240 -30.37 -26.73 -14.71
C PRO B 240 -31.64 -26.33 -13.99
N ILE B 241 -31.48 -25.58 -12.89
CA ILE B 241 -32.62 -25.20 -12.08
C ILE B 241 -32.88 -23.72 -12.36
N LEU B 242 -34.11 -23.42 -12.78
CA LEU B 242 -34.58 -22.06 -12.97
C LEU B 242 -35.12 -21.52 -11.65
N VAL B 243 -34.73 -20.28 -11.30
CA VAL B 243 -35.11 -19.71 -10.01
C VAL B 243 -36.39 -18.87 -10.14
N ASN B 244 -36.37 -17.80 -10.94
CA ASN B 244 -37.56 -16.98 -11.07
C ASN B 244 -37.51 -16.24 -12.40
N GLU B 245 -38.58 -15.53 -12.71
CA GLU B 245 -38.63 -14.70 -13.92
C GLU B 245 -39.20 -13.33 -13.51
N PHE B 246 -38.84 -12.28 -14.25
CA PHE B 246 -39.30 -10.93 -13.95
C PHE B 246 -40.05 -10.24 -15.08
N ARG B 247 -41.15 -9.58 -14.70
CA ARG B 247 -42.00 -8.87 -15.62
C ARG B 247 -41.19 -7.78 -16.32
N ARG B 248 -41.30 -7.75 -17.65
CA ARG B 248 -40.60 -6.78 -18.49
C ARG B 248 -41.11 -5.35 -18.27
N GLY B 249 -42.42 -5.17 -18.07
CA GLY B 249 -43.02 -3.85 -18.11
C GLY B 249 -44.02 -3.74 -19.24
N SER B 250 -44.23 -2.51 -19.69
CA SER B 250 -45.23 -2.26 -20.72
C SER B 250 -44.67 -2.39 -22.13
N ARG B 251 -43.33 -2.42 -22.29
CA ARG B 251 -42.70 -2.34 -23.57
C ARG B 251 -41.38 -3.10 -23.62
N PRO B 252 -41.12 -3.87 -24.68
CA PRO B 252 -39.84 -4.59 -24.80
C PRO B 252 -38.68 -3.61 -25.00
N SER B 253 -37.59 -3.79 -24.26
CA SER B 253 -36.49 -2.81 -24.28
C SER B 253 -35.14 -3.52 -24.18
N ARG B 254 -34.14 -3.01 -24.88
CA ARG B 254 -32.82 -3.62 -24.81
C ARG B 254 -32.16 -3.29 -23.48
N ILE B 255 -31.56 -4.32 -22.87
CA ILE B 255 -30.91 -4.25 -21.56
C ILE B 255 -29.41 -4.10 -21.78
N SER B 256 -28.76 -3.27 -20.96
CA SER B 256 -27.32 -3.01 -21.13
C SER B 256 -26.44 -3.60 -20.03
N GLU B 257 -26.84 -3.52 -18.77
CA GLU B 257 -25.97 -3.93 -17.67
C GLU B 257 -26.86 -4.28 -16.49
N MET B 258 -26.55 -5.40 -15.85
CA MET B 258 -27.28 -5.85 -14.67
C MET B 258 -26.29 -6.15 -13.56
N LYS B 259 -26.78 -6.11 -12.31
CA LYS B 259 -25.88 -6.37 -11.21
C LYS B 259 -26.64 -7.10 -10.12
N PHE B 260 -25.88 -7.82 -9.28
CA PHE B 260 -26.41 -8.66 -8.21
C PHE B 260 -25.92 -8.14 -6.87
N ASN B 261 -26.83 -8.09 -5.88
CA ASN B 261 -26.50 -7.60 -4.56
C ASN B 261 -25.60 -8.61 -3.83
N HIS B 262 -24.93 -8.13 -2.77
CA HIS B 262 -23.97 -9.00 -2.09
C HIS B 262 -24.65 -10.12 -1.32
N ASP B 263 -25.82 -9.88 -0.77
CA ASP B 263 -26.60 -10.94 -0.17
C ASP B 263 -27.49 -11.69 -1.18
N ASN B 264 -27.40 -11.35 -2.47
CA ASN B 264 -28.16 -11.97 -3.55
C ASN B 264 -29.67 -11.89 -3.35
N THR B 265 -30.12 -10.82 -2.73
CA THR B 265 -31.54 -10.58 -2.54
C THR B 265 -32.10 -9.63 -3.58
N LEU B 266 -31.21 -8.84 -4.17
CA LEU B 266 -31.57 -7.74 -5.05
C LEU B 266 -30.87 -7.83 -6.40
N LEU B 267 -31.61 -7.45 -7.44
CA LEU B 267 -31.11 -7.41 -8.81
C LEU B 267 -31.45 -6.07 -9.43
N ALA B 268 -30.46 -5.42 -10.05
CA ALA B 268 -30.71 -4.14 -10.70
C ALA B 268 -30.61 -4.30 -12.21
N CYS B 269 -31.45 -3.57 -12.94
CA CYS B 269 -31.51 -3.67 -14.39
C CYS B 269 -31.60 -2.29 -15.04
N VAL B 270 -30.74 -2.01 -16.02
CA VAL B 270 -30.75 -0.75 -16.75
C VAL B 270 -30.67 -1.01 -18.25
N GLY B 271 -31.19 -0.07 -19.03
CA GLY B 271 -31.14 -0.22 -20.48
C GLY B 271 -31.68 0.97 -21.25
N GLU B 272 -32.24 0.70 -22.43
CA GLU B 272 -32.78 1.79 -23.23
C GLU B 272 -34.18 2.11 -22.74
N SER B 273 -34.37 2.34 -21.47
CA SER B 273 -35.71 2.58 -20.99
C SER B 273 -35.78 3.83 -20.14
N ASP B 274 -37.02 4.20 -19.79
CA ASP B 274 -37.24 5.39 -19.00
C ASP B 274 -36.90 5.14 -17.54
N THR B 275 -36.89 3.87 -17.14
CA THR B 275 -36.84 3.51 -15.74
C THR B 275 -35.78 2.44 -15.51
N ILE B 276 -35.30 2.36 -14.27
CA ILE B 276 -34.41 1.30 -13.80
C ILE B 276 -35.19 0.37 -12.87
N HIS B 277 -35.22 -0.92 -13.18
CA HIS B 277 -36.05 -1.82 -12.37
C HIS B 277 -35.22 -2.48 -11.26
N ILE B 278 -35.86 -2.79 -10.12
CA ILE B 278 -35.18 -3.51 -9.04
C ILE B 278 -36.00 -4.76 -8.72
N PHE B 279 -35.35 -5.91 -8.80
CA PHE B 279 -35.91 -7.22 -8.55
C PHE B 279 -35.41 -7.81 -7.24
N ALA B 280 -36.33 -8.31 -6.42
CA ALA B 280 -35.97 -8.98 -5.19
C ALA B 280 -35.86 -10.49 -5.41
N LEU B 281 -35.22 -11.16 -4.45
CA LEU B 281 -35.02 -12.56 -4.66
C LEU B 281 -35.62 -13.41 -3.55
N PRO B 282 -36.17 -14.54 -3.90
CA PRO B 282 -36.77 -15.41 -2.91
C PRO B 282 -35.77 -16.39 -2.28
N VAL B 283 -34.47 -16.12 -2.39
CA VAL B 283 -33.45 -17.07 -1.90
C VAL B 283 -33.59 -17.28 -0.39
N THR B 284 -33.71 -16.21 0.36
CA THR B 284 -34.03 -16.29 1.77
C THR B 284 -35.55 -16.44 1.93
N GLN B 335 -42.75 -9.82 -6.79
CA GLN B 335 -42.05 -10.72 -7.71
C GLN B 335 -41.78 -10.15 -9.10
N ARG B 336 -42.85 -9.60 -9.70
CA ARG B 336 -42.75 -9.01 -11.04
C ARG B 336 -41.88 -7.76 -11.03
N HIS B 337 -42.08 -6.91 -10.04
CA HIS B 337 -41.42 -5.62 -9.91
C HIS B 337 -41.27 -5.28 -8.44
N VAL B 338 -40.24 -4.52 -8.08
CA VAL B 338 -40.11 -4.14 -6.67
C VAL B 338 -39.84 -2.64 -6.50
N ALA B 339 -38.68 -2.16 -6.97
CA ALA B 339 -38.31 -0.74 -6.85
C ALA B 339 -37.94 -0.19 -8.22
N TYR B 340 -38.52 0.96 -8.58
CA TYR B 340 -38.22 1.58 -9.87
C TYR B 340 -37.66 2.99 -9.72
N ILE B 341 -36.56 3.28 -10.43
CA ILE B 341 -35.93 4.59 -10.41
C ILE B 341 -36.14 5.30 -11.76
N LYS B 342 -36.67 6.52 -11.72
CA LYS B 342 -36.93 7.27 -12.96
C LYS B 342 -35.60 7.69 -13.58
N ILE B 343 -35.56 7.79 -14.91
CA ILE B 343 -34.29 8.06 -15.56
C ILE B 343 -34.55 8.92 -16.79
N PRO B 344 -33.66 9.85 -17.16
CA PRO B 344 -33.90 10.63 -18.39
C PRO B 344 -33.79 9.75 -19.62
N GLU B 345 -34.63 10.05 -20.62
CA GLU B 345 -34.93 9.06 -21.64
C GLU B 345 -33.69 8.69 -22.44
N ASN B 346 -33.23 9.62 -23.27
CA ASN B 346 -32.13 9.34 -24.18
C ASN B 346 -30.79 9.73 -23.54
N ALA B 347 -30.48 9.05 -22.44
CA ALA B 347 -29.22 9.23 -21.74
C ALA B 347 -28.95 7.90 -21.04
N LYS B 348 -27.69 7.48 -21.01
CA LYS B 348 -27.33 6.13 -20.60
C LYS B 348 -26.64 6.15 -19.24
N TYR B 349 -26.91 5.12 -18.42
CA TYR B 349 -26.47 5.06 -17.03
C TYR B 349 -25.88 3.69 -16.71
N ARG B 350 -25.12 3.60 -15.63
CA ARG B 350 -24.50 2.35 -15.16
C ARG B 350 -24.76 2.13 -13.68
N ILE B 351 -24.83 0.87 -13.25
CA ILE B 351 -25.30 0.57 -11.90
C ILE B 351 -24.18 0.07 -11.01
N GLY B 352 -24.47 0.12 -9.70
CA GLY B 352 -23.61 -0.49 -8.69
C GLY B 352 -24.24 -0.33 -7.32
N PHE B 353 -23.77 -1.19 -6.37
CA PHE B 353 -24.14 -1.05 -4.96
C PHE B 353 -23.04 -1.65 -4.11
N PRO B 354 -22.67 -0.99 -3.00
CA PRO B 354 -21.49 -1.45 -2.26
C PRO B 354 -21.82 -2.55 -1.30
N LYS B 355 -20.79 -2.96 -0.57
CA LYS B 355 -20.90 -4.04 0.40
C LYS B 355 -21.29 -3.56 1.78
N ASP B 356 -21.18 -2.25 2.03
CA ASP B 356 -21.45 -1.75 3.38
C ASP B 356 -22.93 -1.91 3.76
N THR B 357 -23.87 -1.65 2.84
CA THR B 357 -25.28 -1.74 3.23
C THR B 357 -26.07 -2.31 2.07
N THR B 358 -27.25 -2.85 2.38
CA THR B 358 -28.10 -3.39 1.32
C THR B 358 -29.23 -2.45 0.91
N ASN B 359 -29.26 -1.22 1.43
CA ASN B 359 -30.30 -0.25 1.11
C ASN B 359 -29.83 0.84 0.17
N THR B 360 -28.56 0.86 -0.17
CA THR B 360 -28.03 1.94 -0.97
C THR B 360 -27.65 1.43 -2.33
N ILE B 361 -28.06 2.17 -3.35
CA ILE B 361 -27.74 1.85 -4.73
C ILE B 361 -27.06 3.08 -5.33
N HIS B 362 -25.87 2.87 -5.87
CA HIS B 362 -25.11 3.92 -6.52
C HIS B 362 -25.46 3.98 -8.01
N ILE B 363 -25.48 5.19 -8.55
CA ILE B 363 -25.93 5.44 -9.91
C ILE B 363 -24.94 6.35 -10.63
N CYS B 364 -24.43 5.87 -11.77
CA CYS B 364 -23.53 6.61 -12.63
C CYS B 364 -24.27 7.06 -13.90
N GLY B 365 -24.10 8.31 -14.28
CA GLY B 365 -24.83 8.87 -15.41
C GLY B 365 -23.96 9.62 -16.39
N GLU B 366 -24.30 9.51 -17.69
CA GLU B 366 -23.52 10.23 -18.70
C GLU B 366 -23.91 11.69 -18.78
N ASP B 367 -24.97 12.08 -18.09
CA ASP B 367 -25.36 13.48 -18.07
C ASP B 367 -24.41 14.31 -17.25
N GLY B 368 -23.58 13.67 -16.43
CA GLY B 368 -22.72 14.37 -15.50
C GLY B 368 -23.10 14.24 -14.04
N ASN B 369 -24.17 13.54 -13.70
CA ASN B 369 -24.63 13.47 -12.31
C ASN B 369 -24.40 12.08 -11.72
N TYR B 370 -23.97 12.02 -10.46
CA TYR B 370 -23.82 10.77 -9.74
C TYR B 370 -24.75 10.83 -8.53
N LEU B 371 -25.61 9.83 -8.41
CA LEU B 371 -26.72 9.80 -7.43
C LEU B 371 -26.60 8.55 -6.56
N VAL B 372 -27.13 8.67 -5.36
CA VAL B 372 -27.22 7.54 -4.44
C VAL B 372 -28.65 7.42 -3.94
N TYR B 373 -29.30 6.31 -4.29
CA TYR B 373 -30.71 6.10 -3.96
C TYR B 373 -30.86 5.08 -2.85
N SER B 374 -31.98 5.20 -2.15
CA SER B 374 -32.34 4.24 -1.11
C SER B 374 -33.42 3.29 -1.60
N ILE B 375 -33.45 2.11 -1.01
CA ILE B 375 -34.39 1.09 -1.45
C ILE B 375 -35.45 0.83 -0.38
N PRO B 376 -36.72 0.73 -0.79
CA PRO B 376 -37.79 0.45 0.17
C PRO B 376 -37.95 -1.05 0.33
N ARG B 377 -37.75 -1.54 1.55
CA ARG B 377 -37.81 -2.98 1.79
C ARG B 377 -39.21 -3.57 1.60
N ASN B 378 -40.26 -2.95 2.15
CA ASN B 378 -41.58 -3.55 2.08
C ASN B 378 -42.60 -2.78 1.24
N GLU B 379 -42.17 -1.76 0.50
CA GLU B 379 -43.09 -0.95 -0.28
C GLU B 379 -42.72 -1.08 -1.74
N VAL B 380 -43.74 -1.08 -2.60
CA VAL B 380 -43.52 -1.20 -4.03
C VAL B 380 -43.22 0.16 -4.66
N GLY B 381 -42.98 1.18 -3.83
CA GLY B 381 -42.75 2.53 -4.33
C GLY B 381 -41.39 2.75 -4.96
N PRO B 382 -41.21 3.93 -5.53
CA PRO B 382 -39.93 4.27 -6.15
C PRO B 382 -38.88 4.54 -5.09
N CYS B 383 -37.64 4.61 -5.56
CA CYS B 383 -36.51 4.85 -4.69
C CYS B 383 -36.44 6.31 -4.26
N THR B 384 -35.71 6.53 -3.18
CA THR B 384 -35.63 7.83 -2.56
C THR B 384 -34.19 8.30 -2.69
N LEU B 385 -34.01 9.49 -3.24
CA LEU B 385 -32.68 10.02 -3.45
C LEU B 385 -32.07 10.46 -2.12
N VAL B 386 -30.77 10.17 -1.93
CA VAL B 386 -30.09 10.51 -0.69
C VAL B 386 -28.92 11.46 -0.91
N LYS B 387 -28.00 11.10 -1.79
CA LYS B 387 -26.79 11.88 -1.93
C LYS B 387 -26.54 12.05 -3.42
N SER B 388 -25.90 13.14 -3.77
CA SER B 388 -25.69 13.44 -5.17
C SER B 388 -24.43 14.26 -5.30
N ASN B 389 -23.79 14.14 -6.45
CA ASN B 389 -22.67 15.00 -6.81
C ASN B 389 -22.56 14.97 -8.32
N THR B 390 -21.78 15.92 -8.82
CA THR B 390 -21.68 16.23 -10.23
C THR B 390 -20.30 15.89 -10.78
N PHE B 391 -20.26 15.48 -12.03
CA PHE B 391 -19.03 15.07 -12.68
C PHE B 391 -18.16 16.23 -13.15
N ASP B 392 -17.14 15.87 -13.91
CA ASP B 392 -16.29 16.81 -14.62
C ASP B 392 -16.19 16.24 -16.04
N SER C 1 -6.47 0.42 15.70
CA SER C 1 -6.30 -1.03 15.63
C SER C 1 -4.87 -1.41 15.25
N LYS C 2 -4.19 -2.21 16.09
CA LYS C 2 -2.79 -2.53 15.82
C LYS C 2 -2.62 -3.23 14.48
N ASP C 3 -3.48 -4.23 14.20
CA ASP C 3 -3.39 -4.97 12.94
C ASP C 3 -3.54 -4.04 11.74
N ALA C 4 -4.43 -3.07 11.83
CA ALA C 4 -4.62 -2.13 10.74
C ALA C 4 -3.36 -1.33 10.50
N GLU C 5 -2.71 -0.90 11.59
CA GLU C 5 -1.48 -0.11 11.49
C GLU C 5 -0.33 -0.88 10.82
N LYS C 6 -0.15 -2.16 11.15
CA LYS C 6 0.91 -2.94 10.52
C LYS C 6 0.66 -3.03 9.01
N LEU C 7 -0.59 -3.25 8.62
CA LEU C 7 -0.90 -3.39 7.21
C LEU C 7 -0.54 -2.11 6.46
N ASN C 8 -0.91 -0.94 7.02
CA ASN C 8 -0.58 0.30 6.32
C ASN C 8 0.90 0.49 6.11
N ASP C 9 1.70 -0.05 7.07
CA ASP C 9 3.15 0.06 7.01
C ASP C 9 3.72 -0.83 5.94
N GLU C 10 3.12 -2.00 5.77
CA GLU C 10 3.60 -2.92 4.75
C GLU C 10 3.31 -2.37 3.38
N ILE C 11 2.15 -1.75 3.19
CA ILE C 11 1.86 -1.14 1.90
C ILE C 11 2.97 -0.19 1.50
N ILE C 12 3.39 0.69 2.43
CA ILE C 12 4.53 1.57 2.14
C ILE C 12 5.78 0.76 1.81
N SER C 13 6.00 -0.36 2.49
CA SER C 13 7.16 -1.16 2.13
C SER C 13 6.99 -1.80 0.77
N LEU C 14 5.79 -2.28 0.47
CA LEU C 14 5.70 -2.90 -0.83
C LEU C 14 5.75 -1.85 -1.93
N ASN C 15 5.24 -0.64 -1.65
CA ASN C 15 5.30 0.36 -2.70
C ASN C 15 6.70 0.93 -2.92
N ILE C 16 7.56 0.93 -1.90
CA ILE C 16 8.95 1.37 -2.08
C ILE C 16 9.76 0.40 -2.93
N GLU C 17 9.62 -0.89 -2.67
CA GLU C 17 10.33 -1.92 -3.45
C GLU C 17 9.95 -1.92 -4.93
N ASN C 18 8.66 -1.68 -5.21
CA ASN C 18 8.19 -1.60 -6.59
C ASN C 18 8.66 -0.34 -7.34
N SER C 19 8.75 0.79 -6.63
CA SER C 19 9.33 2.01 -7.23
C SER C 19 10.82 1.86 -7.44
N LEU C 20 11.49 1.08 -6.61
CA LEU C 20 12.89 0.82 -6.89
C LEU C 20 13.01 -0.13 -8.05
N LEU C 21 12.14 -1.13 -8.18
CA LEU C 21 12.35 -1.99 -9.33
C LEU C 21 11.99 -1.23 -10.61
N GLN C 22 10.98 -0.36 -10.54
CA GLN C 22 10.62 0.32 -11.79
C GLN C 22 11.75 1.23 -12.22
N ASP C 23 12.44 1.86 -11.26
CA ASP C 23 13.58 2.69 -11.64
C ASP C 23 14.78 1.87 -12.04
N LYS C 24 14.90 0.65 -11.47
CA LYS C 24 15.88 -0.29 -12.00
C LYS C 24 15.47 -0.93 -13.34
N LEU C 25 14.17 -1.04 -13.60
CA LEU C 25 13.70 -1.49 -14.91
C LEU C 25 13.91 -0.51 -16.07
N THR C 26 13.65 0.78 -15.84
CA THR C 26 14.02 1.78 -16.84
C THR C 26 15.53 1.95 -17.02
N ALA C 27 16.30 1.80 -15.94
CA ALA C 27 17.76 1.93 -16.06
C ALA C 27 18.32 0.81 -16.90
N LEU C 28 17.90 -0.46 -16.55
CA LEU C 28 18.40 -1.65 -17.31
C LEU C 28 17.98 -1.59 -18.79
N GLN C 29 16.73 -1.22 -19.07
CA GLN C 29 16.27 -1.20 -20.44
C GLN C 29 17.10 -0.22 -21.26
N ALA C 30 17.31 0.99 -20.69
CA ALA C 30 18.06 2.01 -21.38
C ALA C 30 19.49 1.56 -21.69
N GLU C 31 20.18 0.92 -20.73
CA GLU C 31 21.54 0.47 -21.01
C GLU C 31 21.55 -0.55 -22.16
N TYR C 32 20.55 -1.44 -22.18
CA TYR C 32 20.41 -2.44 -23.24
C TYR C 32 20.11 -1.76 -24.56
N ASP C 33 19.28 -0.74 -24.53
CA ASP C 33 18.94 -0.04 -25.74
C ASP C 33 20.16 0.74 -26.26
N LYS C 34 21.06 1.20 -25.36
CA LYS C 34 22.23 1.97 -25.79
C LYS C 34 23.30 1.09 -26.43
N LEU C 35 23.58 -0.08 -25.84
CA LEU C 35 24.62 -1.00 -26.34
C LEU C 35 24.27 -1.53 -27.72
N ILE C 36 23.00 -1.92 -27.89
CA ILE C 36 22.49 -2.49 -29.13
C ILE C 36 22.60 -1.48 -30.28
N GLN C 37 22.29 -0.21 -30.02
CA GLN C 37 22.38 0.83 -31.05
C GLN C 37 23.82 1.03 -31.51
N ARG C 38 24.76 1.00 -30.55
CA ARG C 38 26.17 1.26 -30.79
C ARG C 38 27.10 0.03 -30.58
N SER D 1 -13.02 -3.01 10.82
CA SER D 1 -13.00 -4.25 10.07
C SER D 1 -13.09 -4.00 8.55
N LYS D 2 -14.01 -3.16 8.09
CA LYS D 2 -14.21 -2.96 6.65
C LYS D 2 -12.91 -2.45 6.04
N ASP D 3 -12.30 -1.47 6.68
CA ASP D 3 -11.05 -0.87 6.22
C ASP D 3 -9.96 -1.94 6.11
N ALA D 4 -9.92 -2.87 7.07
CA ALA D 4 -8.93 -3.95 7.04
C ALA D 4 -9.13 -4.80 5.79
N GLU D 5 -10.39 -5.12 5.44
CA GLU D 5 -10.67 -5.95 4.28
C GLU D 5 -10.17 -5.21 3.04
N LYS D 6 -10.42 -3.90 2.98
CA LYS D 6 -9.99 -3.06 1.86
C LYS D 6 -8.45 -3.06 1.77
N LEU D 7 -7.76 -2.98 2.93
CA LEU D 7 -6.29 -2.93 3.00
C LEU D 7 -5.68 -4.18 2.41
N ASN D 8 -6.24 -5.34 2.76
CA ASN D 8 -5.75 -6.63 2.28
C ASN D 8 -5.85 -6.60 0.77
N ASP D 9 -6.81 -5.89 0.24
CA ASP D 9 -6.94 -5.86 -1.19
C ASP D 9 -5.80 -5.03 -1.80
N GLU D 10 -5.35 -3.93 -1.16
CA GLU D 10 -4.25 -3.26 -1.85
C GLU D 10 -2.97 -4.09 -1.79
N ILE D 11 -2.73 -4.75 -0.63
CA ILE D 11 -1.58 -5.65 -0.47
C ILE D 11 -1.50 -6.73 -1.53
N ILE D 12 -2.62 -7.41 -1.81
CA ILE D 12 -2.70 -8.41 -2.89
C ILE D 12 -2.36 -7.80 -4.24
N SER D 13 -2.79 -6.57 -4.49
CA SER D 13 -2.45 -5.88 -5.74
C SER D 13 -0.99 -5.53 -5.84
N LEU D 14 -0.38 -5.09 -4.73
CA LEU D 14 1.03 -4.70 -4.77
C LEU D 14 1.92 -5.91 -4.92
N ASN D 15 1.50 -7.06 -4.38
CA ASN D 15 2.34 -8.24 -4.53
C ASN D 15 2.26 -8.73 -5.97
N ILE D 16 1.17 -8.48 -6.67
CA ILE D 16 1.09 -8.83 -8.09
C ILE D 16 2.06 -7.95 -8.85
N GLU D 17 2.06 -6.65 -8.54
CA GLU D 17 2.98 -5.74 -9.23
C GLU D 17 4.41 -6.16 -8.92
N ASN D 18 4.67 -6.62 -7.69
CA ASN D 18 6.02 -7.10 -7.38
C ASN D 18 6.32 -8.42 -8.06
N SER D 19 5.32 -9.30 -8.21
CA SER D 19 5.50 -10.53 -8.99
C SER D 19 5.62 -10.30 -10.47
N LEU D 20 4.98 -9.25 -11.00
CA LEU D 20 5.11 -8.87 -12.38
C LEU D 20 6.42 -8.15 -12.74
N LEU D 21 6.96 -7.29 -11.84
CA LEU D 21 8.20 -6.60 -12.17
C LEU D 21 9.40 -7.54 -12.16
N GLN D 22 9.40 -8.54 -11.26
CA GLN D 22 10.51 -9.47 -11.13
C GLN D 22 10.60 -10.32 -12.40
N ASP D 23 9.45 -10.63 -12.99
CA ASP D 23 9.37 -11.38 -14.23
C ASP D 23 9.76 -10.52 -15.45
N LYS D 24 9.57 -9.20 -15.42
CA LYS D 24 10.19 -8.35 -16.44
C LYS D 24 11.70 -8.17 -16.30
N LEU D 25 12.26 -8.26 -15.10
CA LEU D 25 13.71 -8.26 -14.88
C LEU D 25 14.43 -9.51 -15.40
N THR D 26 13.84 -10.68 -15.18
CA THR D 26 14.34 -11.90 -15.78
C THR D 26 14.16 -11.90 -17.31
N ALA D 27 13.09 -11.30 -17.83
CA ALA D 27 12.94 -11.29 -19.28
C ALA D 27 14.04 -10.44 -19.91
N LEU D 28 14.28 -9.27 -19.31
CA LEU D 28 15.24 -8.27 -19.79
C LEU D 28 16.70 -8.75 -19.66
N GLN D 29 17.04 -9.33 -18.49
CA GLN D 29 18.40 -9.78 -18.18
C GLN D 29 18.92 -10.79 -19.22
N ALA D 30 18.11 -11.79 -19.59
CA ALA D 30 18.56 -12.81 -20.54
C ALA D 30 18.94 -12.17 -21.88
N GLU D 31 18.11 -11.24 -22.33
CA GLU D 31 18.30 -10.49 -23.59
C GLU D 31 19.59 -9.64 -23.58
N TYR D 32 19.92 -9.04 -22.45
CA TYR D 32 21.13 -8.23 -22.24
C TYR D 32 22.40 -9.07 -22.31
N ASP D 33 22.37 -10.26 -21.74
CA ASP D 33 23.53 -11.16 -21.74
C ASP D 33 23.88 -11.71 -23.13
N LYS D 34 22.87 -11.83 -24.01
CA LYS D 34 23.03 -12.34 -25.35
C LYS D 34 23.68 -11.31 -26.28
N LEU D 35 23.26 -10.06 -26.15
CA LEU D 35 23.77 -8.99 -27.01
C LEU D 35 24.55 -7.99 -26.16
#